data_1E8W
#
_entry.id   1E8W
#
_cell.length_a   144.162
_cell.length_b   67.435
_cell.length_c   106.701
_cell.angle_alpha   90.00
_cell.angle_beta   95.87
_cell.angle_gamma   90.00
#
_symmetry.space_group_name_H-M   'C 1 2 1'
#
loop_
_entity.id
_entity.type
_entity.pdbx_description
1 polymer 'PHOSPHATIDYLINOSITOL 3-KINASE CATALYTIC SUBUNIT'
2 non-polymer "3,5,7,3',4'-PENTAHYDROXYFLAVONE"
#
_entity_poly.entity_id   1
_entity_poly.type   'polypeptide(L)'
_entity_poly.pdbx_seq_one_letter_code
;AASEETLAFQRQLNALIGYDVTDVSNVHDDELEFTRRRLVTPRMAEVAGRDPKLYAMHPWVTSKPLPEYLLKKITNNCVF
IVIHRSTTSQTIKVSADDTPGTILQSFFTKMAKKKSLMDIPESQNERDFVLRVCGRDEYLVGETPIKNFQWVRQCLKNGE
EIHLVLDTPPDPALDEVRKEEWPLVDDCTGVTGYHEQLTIHGKDHESVFTVSLWDCDRKFRVKIRGIDIPVLPRTADLTV
FVEANIQYGQQVLCQRRTSPKPFTEEVLWNVWLEFSIKIKDLPKGALLNLQIYCGKAPALSGKTSAEMPSPESKGKAQLL
YYVNLLLIDHRFLLRHGEYVLHMWQLSGKGEDQGSFNADKLTSATNPDKENSMSISILLDNYCHPIALPKHRPTPDPEGD
RVRAEMPNQLRKQLEAIIATDPLNPLTAEDKELLWHFRYESLKDPKAYPKLFSSVKWGQQEIVAKTYQLLAKREVWDQSA
LDVGLTMQLLDCNFSDENVRAIAVQKLESLEDDDVLHYLLQLVQAVKFEPYHDSALARFLLKRGLRNKRIGHFLFWFLRS
EIAQSRHYQQRFAVILEAYLRGCGTAMLHDFTQQVQVIDMLQKVTIDIKSLSAEKYDVSSQVISQLKQKLENLQNLNLPQ
SFRVPYDPGLKAGALVIEKCKVMASKKKPLWLEFKCADPTALSNETIGIIFKHGDDLRQDMLILQILRIMESIWETESLD
LCLLPYGCISTGDKIGMIEIVKDATTIAKIQQSTVGNTGAFKDEVLSHWLKEKCPIEEKFQAAVERFVYSCAGYCVATFV
LGIGDRHNDNIMISETGNLFHIDFGHILGNYKSFLGINKERVPFVLTPDFLFVMGTSGKKTSLHFQKFQDVCVKAYLALR
HHTNLLIILFSMMLMTGMPQLTSKEDIEYIRDALTVGKSEEDAKKYFLDQIEVCRDKGWTVQFNWFLHLVLGIKQGEKHS
A
;
_entity_poly.pdbx_strand_id   A
#
loop_
_chem_comp.id
_chem_comp.type
_chem_comp.name
_chem_comp.formula
QUE non-polymer 3,5,7,3',4'-PENTAHYDROXYFLAVONE 'C15 H10 O7'
#
# COMPACT_ATOMS: atom_id res chain seq x y z
N ALA A 2 15.17 -27.35 23.23
CA ALA A 2 14.94 -27.50 21.77
C ALA A 2 14.30 -28.84 21.40
N SER A 3 13.03 -29.02 21.79
CA SER A 3 12.28 -30.26 21.50
C SER A 3 11.97 -30.37 20.01
N GLU A 4 11.18 -31.38 19.64
CA GLU A 4 10.83 -31.56 18.25
C GLU A 4 9.67 -30.62 17.97
N GLU A 5 8.81 -30.48 18.98
CA GLU A 5 7.63 -29.63 18.93
C GLU A 5 8.03 -28.19 18.72
N THR A 6 9.06 -27.78 19.44
CA THR A 6 9.52 -26.42 19.33
C THR A 6 10.18 -26.19 17.99
N LEU A 7 10.76 -27.22 17.40
CA LEU A 7 11.39 -27.04 16.10
C LEU A 7 10.34 -27.04 15.00
N ALA A 8 9.38 -27.96 15.08
CA ALA A 8 8.33 -28.05 14.06
C ALA A 8 7.64 -26.72 13.91
N PHE A 9 7.37 -26.07 15.04
CA PHE A 9 6.70 -24.80 14.95
C PHE A 9 7.44 -23.84 13.99
N GLN A 10 8.71 -23.53 14.26
CA GLN A 10 9.50 -22.62 13.44
C GLN A 10 9.41 -22.95 11.96
N ARG A 11 9.56 -24.23 11.69
CA ARG A 11 9.50 -24.80 10.37
C ARG A 11 8.19 -24.38 9.69
N GLN A 12 7.08 -24.41 10.43
CA GLN A 12 5.79 -24.09 9.83
C GLN A 12 5.70 -22.59 9.53
N LEU A 13 5.93 -21.83 10.57
CA LEU A 13 6.01 -20.37 10.49
C LEU A 13 6.94 -20.06 9.29
N ASN A 14 8.13 -20.64 9.27
CA ASN A 14 8.98 -20.35 8.14
C ASN A 14 8.29 -20.58 6.78
N ALA A 15 7.49 -21.63 6.62
CA ALA A 15 6.90 -21.80 5.31
C ALA A 15 5.71 -20.82 5.16
N LEU A 16 5.08 -20.44 6.26
CA LEU A 16 4.02 -19.46 6.21
C LEU A 16 4.56 -18.08 5.81
N ILE A 17 5.75 -17.71 6.32
CA ILE A 17 6.39 -16.42 6.06
C ILE A 17 6.87 -16.46 4.60
N GLY A 18 7.45 -17.61 4.20
CA GLY A 18 8.01 -17.77 2.89
C GLY A 18 9.48 -17.38 2.83
N TYR A 19 10.15 -17.44 3.98
CA TYR A 19 11.57 -17.12 4.15
C TYR A 19 11.95 -17.63 5.54
N ASP A 20 13.21 -18.08 5.72
CA ASP A 20 13.64 -18.63 7.01
C ASP A 20 14.16 -17.53 7.93
N VAL A 21 13.29 -17.06 8.80
CA VAL A 21 13.69 -16.02 9.69
C VAL A 21 14.82 -16.45 10.62
N THR A 22 15.18 -17.72 10.70
CA THR A 22 16.25 -18.03 11.65
C THR A 22 17.63 -17.89 11.02
N ASP A 23 17.64 -18.09 9.71
CA ASP A 23 18.83 -18.05 8.92
C ASP A 23 19.76 -16.97 9.40
N VAL A 24 21.05 -17.25 9.30
CA VAL A 24 22.02 -16.27 9.71
C VAL A 24 23.16 -16.37 8.76
N SER A 25 22.89 -16.83 7.54
CA SER A 25 23.92 -16.92 6.53
C SER A 25 24.26 -15.59 5.88
N ASN A 26 23.33 -14.62 5.97
CA ASN A 26 23.49 -13.31 5.36
C ASN A 26 23.34 -12.21 6.39
N VAL A 27 24.20 -12.23 7.38
CA VAL A 27 24.23 -11.17 8.37
C VAL A 27 25.69 -10.97 8.70
N HIS A 28 26.03 -9.72 9.01
CA HIS A 28 27.39 -9.34 9.35
C HIS A 28 27.29 -8.89 10.78
N ASP A 29 26.15 -9.16 11.41
CA ASP A 29 25.98 -8.84 12.81
C ASP A 29 24.73 -9.58 13.25
N ASP A 30 24.18 -9.18 14.39
CA ASP A 30 23.06 -9.87 14.97
C ASP A 30 21.85 -8.99 15.29
N GLU A 31 21.61 -8.02 14.41
CA GLU A 31 20.47 -7.07 14.57
C GLU A 31 19.13 -7.82 14.40
N LEU A 32 19.07 -8.67 13.37
CA LEU A 32 17.85 -9.45 13.12
C LEU A 32 17.53 -10.30 14.35
N GLU A 33 18.51 -11.12 14.80
CA GLU A 33 18.26 -11.98 15.97
C GLU A 33 17.86 -11.13 17.18
N PHE A 34 18.59 -10.04 17.37
CA PHE A 34 18.28 -9.13 18.44
C PHE A 34 16.86 -8.61 18.30
N THR A 35 16.41 -8.37 17.07
CA THR A 35 15.08 -7.78 16.90
C THR A 35 14.00 -8.83 17.09
N ARG A 36 14.24 -10.04 16.61
CA ARG A 36 13.24 -11.09 16.88
C ARG A 36 13.07 -11.20 18.39
N ARG A 37 14.19 -11.16 19.13
CA ARG A 37 14.14 -11.25 20.60
C ARG A 37 13.50 -10.04 21.23
N ARG A 38 13.76 -8.85 20.70
CA ARG A 38 13.12 -7.66 21.33
C ARG A 38 11.63 -7.49 21.03
N LEU A 39 11.10 -8.21 20.04
CA LEU A 39 9.69 -8.08 19.70
C LEU A 39 8.79 -8.99 20.54
N VAL A 40 9.44 -9.99 21.18
CA VAL A 40 8.78 -10.99 22.06
C VAL A 40 7.95 -10.31 23.16
N THR A 41 8.47 -9.24 23.75
CA THR A 41 7.77 -8.50 24.78
C THR A 41 6.59 -7.69 24.25
N PRO A 42 6.80 -6.83 23.23
CA PRO A 42 5.68 -6.02 22.68
C PRO A 42 4.50 -6.93 22.22
N ARG A 43 4.84 -8.11 21.69
CA ARG A 43 3.82 -9.07 21.28
C ARG A 43 2.96 -9.57 22.47
N MET A 44 3.64 -10.06 23.55
CA MET A 44 2.99 -10.59 24.79
C MET A 44 2.06 -9.59 25.42
N ALA A 45 2.53 -8.37 25.52
CA ALA A 45 1.73 -7.30 26.07
C ALA A 45 0.53 -7.14 25.23
N GLU A 46 0.64 -7.30 23.90
CA GLU A 46 -0.60 -7.11 23.12
C GLU A 46 -1.62 -8.27 23.25
N VAL A 47 -1.08 -9.49 23.25
CA VAL A 47 -1.83 -10.75 23.38
C VAL A 47 -2.60 -10.78 24.73
N ALA A 48 -1.85 -10.59 25.80
CA ALA A 48 -2.43 -10.59 27.11
C ALA A 48 -3.38 -9.46 27.32
N GLY A 49 -3.33 -8.39 26.55
CA GLY A 49 -4.26 -7.35 26.91
C GLY A 49 -5.43 -7.21 25.99
N ARG A 50 -5.62 -8.17 25.09
CA ARG A 50 -6.77 -8.04 24.19
C ARG A 50 -7.88 -8.95 24.67
N ASP A 51 -9.09 -8.42 24.62
CA ASP A 51 -10.28 -9.14 25.01
C ASP A 51 -10.40 -10.33 24.08
N PRO A 52 -10.58 -11.51 24.67
CA PRO A 52 -10.69 -12.73 23.86
C PRO A 52 -11.84 -12.79 22.86
N LYS A 53 -13.03 -12.36 23.30
CA LYS A 53 -14.26 -12.38 22.47
C LYS A 53 -14.20 -11.38 21.33
N LEU A 54 -14.24 -10.10 21.68
CA LEU A 54 -14.15 -9.04 20.70
C LEU A 54 -13.04 -9.39 19.70
N TYR A 55 -11.94 -9.93 20.18
CA TYR A 55 -10.90 -10.25 19.24
C TYR A 55 -11.33 -11.44 18.38
N ALA A 56 -12.04 -12.38 19.00
CA ALA A 56 -12.55 -13.55 18.31
C ALA A 56 -13.56 -13.19 17.21
N MET A 57 -14.34 -12.14 17.42
CA MET A 57 -15.31 -11.75 16.42
C MET A 57 -14.92 -10.54 15.56
N HIS A 58 -13.79 -9.92 15.87
CA HIS A 58 -13.32 -8.77 15.09
C HIS A 58 -14.40 -7.84 14.57
N PRO A 59 -15.33 -7.42 15.41
CA PRO A 59 -16.37 -6.49 14.99
C PRO A 59 -15.67 -5.38 14.16
N TRP A 60 -16.36 -4.87 13.12
CA TRP A 60 -15.84 -3.79 12.23
C TRP A 60 -16.70 -2.55 12.45
N VAL A 61 -16.13 -1.47 12.95
CA VAL A 61 -16.95 -0.31 13.24
C VAL A 61 -16.28 1.00 12.94
N THR A 62 -17.06 2.06 13.08
CA THR A 62 -16.48 3.37 12.83
C THR A 62 -17.15 4.44 13.66
N SER A 63 -16.34 5.18 14.39
CA SER A 63 -16.91 6.22 15.24
C SER A 63 -16.97 7.53 14.45
N LYS A 64 -17.17 7.44 13.15
CA LYS A 64 -17.24 8.64 12.34
C LYS A 64 -18.73 8.83 12.11
N PRO A 65 -19.12 10.05 11.74
CA PRO A 65 -20.51 10.41 11.49
C PRO A 65 -20.98 9.79 10.20
N LEU A 66 -22.31 9.79 10.02
CA LEU A 66 -22.91 9.30 8.80
C LEU A 66 -22.89 10.41 7.77
N PRO A 67 -22.38 10.09 6.58
CA PRO A 67 -22.30 11.06 5.49
C PRO A 67 -23.67 11.59 5.13
N GLU A 68 -23.68 12.66 4.33
CA GLU A 68 -24.93 13.27 3.88
C GLU A 68 -25.66 12.33 2.91
N TYR A 69 -24.93 11.55 2.11
CA TYR A 69 -25.58 10.64 1.17
C TYR A 69 -26.17 9.39 1.80
N LEU A 70 -25.89 9.18 3.08
CA LEU A 70 -26.46 8.00 3.73
C LEU A 70 -27.57 8.42 4.67
N LEU A 71 -27.41 9.61 5.24
CA LEU A 71 -28.38 10.18 6.15
C LEU A 71 -29.75 10.23 5.46
N LYS A 72 -29.72 10.76 4.24
CA LYS A 72 -30.90 10.90 3.43
C LYS A 72 -31.53 9.54 3.14
N LYS A 73 -30.79 8.46 3.34
CA LYS A 73 -31.33 7.15 3.06
C LYS A 73 -31.92 6.46 4.27
N ILE A 74 -32.16 7.21 5.34
CA ILE A 74 -32.74 6.59 6.52
C ILE A 74 -33.96 7.37 6.99
N THR A 75 -35.15 6.82 6.70
CA THR A 75 -36.37 7.50 7.12
C THR A 75 -36.41 7.71 8.63
N ASN A 76 -36.21 8.98 8.97
CA ASN A 76 -36.20 9.44 10.36
C ASN A 76 -35.01 8.97 11.15
N ASN A 77 -35.18 7.84 11.84
CA ASN A 77 -34.12 7.31 12.67
C ASN A 77 -34.38 5.84 12.95
N CYS A 78 -34.70 5.11 11.91
CA CYS A 78 -34.95 3.68 12.09
C CYS A 78 -34.48 2.97 10.85
N VAL A 79 -34.38 1.66 10.95
CA VAL A 79 -33.96 0.88 9.80
C VAL A 79 -34.33 -0.58 9.99
N PHE A 80 -34.47 -1.31 8.88
CA PHE A 80 -34.85 -2.70 8.97
C PHE A 80 -33.70 -3.69 8.91
N ILE A 81 -33.90 -4.81 9.59
CA ILE A 81 -32.92 -5.90 9.65
C ILE A 81 -33.62 -7.29 9.59
N VAL A 82 -33.39 -8.03 8.51
CA VAL A 82 -33.98 -9.34 8.37
C VAL A 82 -33.19 -10.39 9.11
N ILE A 83 -33.73 -11.00 10.15
CA ILE A 83 -33.00 -12.03 10.87
C ILE A 83 -33.38 -13.47 10.44
N HIS A 84 -32.39 -14.35 10.27
CA HIS A 84 -32.68 -15.71 9.83
C HIS A 84 -32.30 -16.74 10.85
N ARG A 85 -33.16 -17.75 11.06
CA ARG A 85 -32.86 -18.80 12.02
C ARG A 85 -32.70 -20.11 11.26
N SER A 86 -33.81 -20.69 10.85
CA SER A 86 -33.76 -21.94 10.08
C SER A 86 -33.95 -21.42 8.66
N THR A 87 -35.20 -21.30 8.24
CA THR A 87 -35.50 -20.72 6.93
C THR A 87 -36.48 -19.62 7.33
N THR A 88 -36.68 -19.57 8.63
CA THR A 88 -37.55 -18.55 9.20
C THR A 88 -36.91 -17.17 8.94
N SER A 89 -37.72 -16.12 8.79
CA SER A 89 -37.21 -14.78 8.59
C SER A 89 -38.19 -13.78 9.12
N GLN A 90 -37.70 -12.83 9.91
CA GLN A 90 -38.53 -11.76 10.48
C GLN A 90 -37.93 -10.39 10.20
N THR A 91 -38.72 -9.49 9.65
CA THR A 91 -38.19 -8.16 9.37
C THR A 91 -38.54 -7.27 10.53
N ILE A 92 -37.57 -6.55 11.06
CA ILE A 92 -37.83 -5.68 12.19
C ILE A 92 -37.37 -4.26 11.99
N LYS A 93 -38.18 -3.29 12.38
CA LYS A 93 -37.78 -1.89 12.28
C LYS A 93 -37.02 -1.73 13.61
N VAL A 94 -35.84 -1.11 13.57
CA VAL A 94 -35.04 -0.99 14.79
C VAL A 94 -34.45 0.39 15.10
N SER A 95 -34.23 0.58 16.40
CA SER A 95 -33.65 1.79 16.92
C SER A 95 -32.31 1.89 16.27
N ALA A 96 -32.12 2.91 15.45
CA ALA A 96 -30.86 3.10 14.75
C ALA A 96 -29.67 3.31 15.69
N ASP A 97 -29.95 3.61 16.95
CA ASP A 97 -28.85 3.85 17.88
C ASP A 97 -28.70 2.82 18.99
N ASP A 98 -29.32 1.67 18.84
CA ASP A 98 -29.20 0.71 19.91
C ASP A 98 -28.25 -0.43 19.72
N THR A 99 -27.38 -0.57 20.71
CA THR A 99 -26.40 -1.62 20.71
C THR A 99 -27.00 -2.89 20.16
N PRO A 100 -26.18 -3.70 19.49
CA PRO A 100 -26.69 -4.97 18.94
C PRO A 100 -27.31 -5.79 20.09
N GLY A 101 -27.24 -5.24 21.31
CA GLY A 101 -27.78 -5.92 22.48
C GLY A 101 -29.25 -5.59 22.71
N THR A 102 -29.65 -4.37 22.37
CA THR A 102 -31.03 -3.97 22.51
C THR A 102 -31.76 -4.85 21.50
N ILE A 103 -31.14 -5.05 20.35
CA ILE A 103 -31.71 -5.93 19.36
C ILE A 103 -31.54 -7.25 20.09
N LEU A 104 -32.02 -8.35 19.52
CA LEU A 104 -31.87 -9.66 20.19
C LEU A 104 -32.83 -9.75 21.40
N GLN A 105 -32.61 -8.86 22.36
CA GLN A 105 -33.43 -8.80 23.54
C GLN A 105 -34.81 -8.33 23.10
N SER A 106 -34.84 -7.33 22.22
CA SER A 106 -36.09 -6.81 21.67
C SER A 106 -36.64 -7.80 20.64
N PHE A 107 -35.81 -8.74 20.21
CA PHE A 107 -36.24 -9.75 19.24
C PHE A 107 -36.85 -10.91 20.01
N PHE A 108 -36.16 -11.32 21.08
CA PHE A 108 -36.62 -12.40 21.95
C PHE A 108 -38.04 -12.09 22.44
N THR A 109 -38.31 -10.79 22.60
CA THR A 109 -39.62 -10.30 23.04
C THR A 109 -40.42 -9.85 21.82
N LYS A 110 -40.48 -10.71 20.80
CA LYS A 110 -41.22 -10.42 19.57
C LYS A 110 -41.59 -11.73 18.87
N MET A 111 -40.65 -12.66 18.79
CA MET A 111 -40.91 -13.94 18.18
C MET A 111 -41.04 -15.02 19.25
N ASP A 128 -27.50 -16.35 24.70
CA ASP A 128 -26.21 -16.97 24.42
C ASP A 128 -25.95 -17.09 22.91
N PHE A 129 -26.35 -16.08 22.14
CA PHE A 129 -26.17 -16.09 20.68
C PHE A 129 -25.52 -14.79 20.19
N VAL A 130 -25.82 -14.41 18.95
CA VAL A 130 -25.24 -13.20 18.38
C VAL A 130 -25.62 -13.08 16.91
N LEU A 131 -25.62 -11.86 16.39
CA LEU A 131 -25.94 -11.57 14.98
C LEU A 131 -24.74 -11.64 14.04
N ARG A 132 -24.88 -12.28 12.90
CA ARG A 132 -23.77 -12.43 11.95
C ARG A 132 -24.23 -12.14 10.54
N VAL A 133 -23.40 -11.52 9.71
CA VAL A 133 -23.93 -11.23 8.37
C VAL A 133 -24.06 -12.50 7.52
N CYS A 134 -25.25 -12.77 7.02
CA CYS A 134 -25.42 -13.99 6.25
C CYS A 134 -24.30 -14.20 5.20
N GLY A 135 -23.79 -15.43 5.14
CA GLY A 135 -22.73 -15.81 4.20
C GLY A 135 -21.39 -15.18 4.44
N ARG A 136 -21.17 -14.63 5.61
CA ARG A 136 -19.91 -13.97 5.87
C ARG A 136 -19.46 -14.06 7.32
N ASP A 137 -18.18 -14.08 7.56
CA ASP A 137 -17.74 -14.09 8.94
C ASP A 137 -17.56 -12.67 9.42
N GLU A 138 -18.68 -11.99 9.64
CA GLU A 138 -18.74 -10.61 10.07
C GLU A 138 -19.79 -10.44 11.15
N TYR A 139 -19.39 -10.37 12.42
CA TYR A 139 -20.31 -10.24 13.57
C TYR A 139 -20.63 -8.82 14.01
N LEU A 140 -21.89 -8.53 14.30
CA LEU A 140 -22.29 -7.20 14.80
C LEU A 140 -22.43 -7.37 16.32
N VAL A 141 -21.42 -6.99 17.07
CA VAL A 141 -21.49 -7.16 18.51
C VAL A 141 -20.83 -6.01 19.18
N GLY A 142 -20.75 -6.07 20.52
CA GLY A 142 -20.10 -5.04 21.35
C GLY A 142 -20.96 -3.80 21.57
N GLU A 143 -20.55 -2.88 22.43
CA GLU A 143 -21.36 -1.68 22.68
C GLU A 143 -21.25 -0.56 21.61
N THR A 144 -21.88 -0.80 20.47
CA THR A 144 -21.80 0.18 19.40
C THR A 144 -23.11 0.35 18.73
N PRO A 145 -23.47 1.61 18.46
CA PRO A 145 -24.74 1.93 17.79
C PRO A 145 -24.77 1.19 16.48
N ILE A 146 -25.78 0.35 16.27
CA ILE A 146 -25.92 -0.36 14.99
C ILE A 146 -25.48 0.45 13.75
N LYS A 147 -25.92 1.70 13.62
CA LYS A 147 -25.56 2.49 12.43
C LYS A 147 -24.05 2.65 12.23
N ASN A 148 -23.27 2.41 13.28
CA ASN A 148 -21.82 2.55 13.21
C ASN A 148 -21.17 1.23 12.85
N PHE A 149 -21.86 0.40 12.11
CA PHE A 149 -21.23 -0.83 11.72
C PHE A 149 -21.05 -0.73 10.22
N GLN A 150 -19.82 -0.80 9.70
CA GLN A 150 -19.63 -0.69 8.27
C GLN A 150 -20.55 -1.55 7.39
N TRP A 151 -20.89 -2.75 7.84
CA TRP A 151 -21.72 -3.58 6.99
C TRP A 151 -23.03 -2.87 6.69
N VAL A 152 -23.63 -2.35 7.75
CA VAL A 152 -24.90 -1.61 7.69
C VAL A 152 -24.81 -0.41 6.69
N ARG A 153 -23.81 0.44 6.94
CA ARG A 153 -23.49 1.60 6.15
C ARG A 153 -23.29 1.18 4.73
N GLN A 154 -22.71 0.00 4.51
CA GLN A 154 -22.47 -0.47 3.13
C GLN A 154 -23.81 -0.78 2.49
N CYS A 155 -24.63 -1.59 3.15
CA CYS A 155 -25.96 -1.95 2.69
C CYS A 155 -26.79 -0.67 2.42
N LEU A 156 -26.91 0.21 3.39
CA LEU A 156 -27.65 1.44 3.13
C LEU A 156 -27.30 2.08 1.78
N LYS A 157 -26.04 2.41 1.59
CA LYS A 157 -25.60 3.04 0.35
C LYS A 157 -25.83 2.12 -0.85
N ASN A 158 -25.95 0.83 -0.57
CA ASN A 158 -26.13 -0.17 -1.60
C ASN A 158 -27.58 -0.49 -1.74
N GLY A 159 -28.41 0.17 -0.94
CA GLY A 159 -29.83 -0.08 -0.99
C GLY A 159 -30.08 -1.58 -1.00
N GLU A 160 -29.50 -2.27 -0.04
CA GLU A 160 -29.65 -3.70 0.07
C GLU A 160 -30.20 -4.02 1.46
N GLU A 161 -30.89 -5.14 1.55
CA GLU A 161 -31.50 -5.61 2.79
C GLU A 161 -30.41 -6.17 3.69
N ILE A 162 -30.38 -5.73 4.93
CA ILE A 162 -29.39 -6.20 5.89
C ILE A 162 -29.79 -7.54 6.48
N HIS A 163 -29.31 -8.64 5.89
CA HIS A 163 -29.64 -9.98 6.37
C HIS A 163 -28.58 -10.54 7.32
N LEU A 164 -28.98 -10.81 8.57
CA LEU A 164 -28.11 -11.34 9.61
C LEU A 164 -28.62 -12.70 10.14
N VAL A 165 -27.77 -13.71 10.18
CA VAL A 165 -28.22 -14.99 10.69
C VAL A 165 -27.83 -15.07 12.18
N LEU A 166 -28.70 -15.67 12.97
CA LEU A 166 -28.43 -15.78 14.39
C LEU A 166 -27.68 -17.10 14.63
N ASP A 167 -26.41 -17.01 15.09
CA ASP A 167 -25.62 -18.21 15.40
C ASP A 167 -24.80 -18.06 16.67
N THR A 168 -24.19 -19.15 17.10
CA THR A 168 -23.43 -19.17 18.32
C THR A 168 -22.11 -18.46 18.15
N PRO A 169 -21.71 -17.70 19.18
CA PRO A 169 -20.45 -16.97 19.16
C PRO A 169 -19.25 -17.88 19.06
N PRO A 170 -18.22 -17.46 18.33
CA PRO A 170 -17.09 -18.36 18.26
C PRO A 170 -16.38 -18.44 19.63
N ASP A 171 -15.71 -19.56 19.86
CA ASP A 171 -15.00 -19.81 21.12
C ASP A 171 -13.53 -19.36 21.09
N PRO A 172 -13.20 -18.33 21.89
CA PRO A 172 -11.83 -17.82 21.93
C PRO A 172 -10.77 -18.84 22.03
N ALA A 173 -11.12 -20.01 22.51
CA ALA A 173 -10.14 -21.09 22.67
C ALA A 173 -9.49 -21.43 21.36
N LEU A 174 -10.13 -21.05 20.26
CA LEU A 174 -9.56 -21.35 18.96
C LEU A 174 -8.43 -20.39 18.61
N ASP A 175 -8.37 -19.25 19.32
CA ASP A 175 -7.33 -18.22 19.14
C ASP A 175 -6.18 -18.43 20.13
N GLU A 176 -6.16 -19.60 20.73
CA GLU A 176 -5.16 -19.97 21.70
C GLU A 176 -3.76 -19.71 21.16
N VAL A 177 -2.96 -18.98 21.94
CA VAL A 177 -1.59 -18.70 21.52
C VAL A 177 -0.64 -19.78 22.05
N ARG A 178 0.37 -20.17 21.28
CA ARG A 178 1.27 -21.21 21.74
C ARG A 178 2.04 -20.80 22.97
N LYS A 179 2.72 -21.80 23.54
CA LYS A 179 3.53 -21.64 24.74
C LYS A 179 4.82 -20.87 24.48
N GLU A 180 5.04 -19.81 25.25
CA GLU A 180 6.24 -19.00 25.08
C GLU A 180 7.36 -19.49 25.97
N VAL A 211 34.75 1.37 26.25
CA VAL A 211 33.68 1.87 27.08
C VAL A 211 33.77 3.37 27.26
N SER A 212 34.12 4.08 26.18
CA SER A 212 34.25 5.54 26.22
C SER A 212 32.90 6.20 25.88
N LEU A 213 32.92 7.43 25.34
CA LEU A 213 31.69 8.15 25.02
C LEU A 213 31.86 8.95 23.73
N TRP A 214 31.01 9.97 23.58
CA TRP A 214 31.01 10.89 22.44
C TRP A 214 32.41 11.21 22.00
N ASP A 215 33.15 11.77 22.98
CA ASP A 215 34.55 12.22 22.87
C ASP A 215 35.47 11.33 22.06
N CYS A 216 35.72 11.78 20.86
CA CYS A 216 36.54 11.07 19.93
C CYS A 216 36.66 12.21 18.94
N ASP A 217 37.38 13.24 19.33
CA ASP A 217 37.49 14.40 18.49
C ASP A 217 38.13 14.09 17.16
N ARG A 218 38.62 12.88 17.02
CA ARG A 218 39.25 12.56 15.77
C ARG A 218 38.23 12.54 14.64
N LYS A 219 38.70 12.40 13.42
CA LYS A 219 37.80 12.35 12.32
C LYS A 219 37.40 10.86 12.15
N PHE A 220 36.58 10.60 11.13
CA PHE A 220 36.14 9.28 10.76
C PHE A 220 36.86 8.94 9.46
N ARG A 221 37.19 7.65 9.34
CA ARG A 221 37.89 7.12 8.16
C ARG A 221 37.60 5.64 7.90
N VAL A 222 37.82 5.26 6.66
CA VAL A 222 37.58 3.91 6.26
C VAL A 222 38.52 3.48 5.16
N LYS A 223 38.88 2.20 5.16
CA LYS A 223 39.78 1.71 4.12
C LYS A 223 39.05 0.86 3.14
N ILE A 224 39.27 1.17 1.89
CA ILE A 224 38.74 0.46 0.77
C ILE A 224 39.88 -0.44 0.27
N ARG A 225 39.88 -1.73 0.72
CA ARG A 225 40.91 -2.70 0.29
C ARG A 225 40.72 -3.02 -1.18
N GLY A 226 39.48 -3.36 -1.54
CA GLY A 226 39.19 -3.67 -2.94
C GLY A 226 37.79 -4.23 -3.23
N ILE A 227 37.48 -4.37 -4.51
CA ILE A 227 36.22 -4.94 -4.89
C ILE A 227 36.49 -6.27 -5.63
N ASP A 228 35.64 -7.29 -5.38
CA ASP A 228 35.75 -8.62 -6.03
C ASP A 228 34.46 -9.10 -6.63
N ILE A 229 34.48 -9.27 -7.95
CA ILE A 229 33.36 -9.74 -8.78
C ILE A 229 33.77 -10.91 -9.71
N PRO A 230 33.29 -12.11 -9.40
CA PRO A 230 33.64 -13.27 -10.24
C PRO A 230 33.37 -13.11 -11.74
N VAL A 231 32.72 -12.05 -12.17
CA VAL A 231 32.45 -11.92 -13.60
C VAL A 231 32.37 -10.44 -13.95
N LEU A 232 32.44 -10.12 -15.24
CA LEU A 232 32.38 -8.72 -15.64
C LEU A 232 31.54 -8.55 -16.92
N PRO A 233 31.08 -7.31 -17.16
CA PRO A 233 30.26 -6.87 -18.30
C PRO A 233 30.84 -7.10 -19.70
N ARG A 234 29.95 -7.53 -20.59
CA ARG A 234 30.33 -7.81 -21.98
C ARG A 234 31.09 -6.64 -22.58
N THR A 235 30.55 -5.43 -22.39
CA THR A 235 31.17 -4.24 -22.95
C THR A 235 32.39 -3.87 -22.11
N ALA A 236 33.36 -4.78 -22.12
CA ALA A 236 34.58 -4.63 -21.35
C ALA A 236 35.28 -3.30 -21.55
N ASP A 237 36.50 -3.25 -21.01
CA ASP A 237 37.33 -2.08 -21.07
C ASP A 237 36.62 -0.92 -20.38
N LEU A 238 36.46 -1.06 -19.07
CA LEU A 238 35.78 -0.02 -18.29
C LEU A 238 36.65 0.56 -17.19
N THR A 239 36.10 1.54 -16.50
CA THR A 239 36.82 2.13 -15.41
C THR A 239 35.87 2.28 -14.23
N VAL A 240 36.36 2.01 -13.02
CA VAL A 240 35.54 2.13 -11.83
C VAL A 240 36.26 2.65 -10.56
N PHE A 241 35.46 3.25 -9.66
CA PHE A 241 36.00 3.77 -8.40
C PHE A 241 34.98 3.66 -7.26
N VAL A 242 35.49 3.61 -6.04
CA VAL A 242 34.65 3.49 -4.90
C VAL A 242 34.33 4.83 -4.30
N GLU A 243 33.05 5.04 -3.99
CA GLU A 243 32.58 6.28 -3.43
C GLU A 243 31.96 5.95 -2.09
N ALA A 244 32.42 6.62 -1.05
CA ALA A 244 31.97 6.40 0.27
C ALA A 244 31.28 7.63 0.87
N ASN A 245 30.00 7.51 1.19
CA ASN A 245 29.24 8.61 1.74
C ASN A 245 28.69 8.39 3.10
N ILE A 246 28.80 9.39 3.96
CA ILE A 246 28.23 9.31 5.29
C ILE A 246 26.84 9.92 5.14
N GLN A 247 25.81 9.07 4.96
CA GLN A 247 24.42 9.50 4.75
C GLN A 247 23.59 9.61 5.98
N TYR A 248 22.52 10.38 5.92
CA TYR A 248 21.54 10.53 6.99
C TYR A 248 20.35 11.14 6.26
N GLY A 249 19.21 10.49 6.39
CA GLY A 249 18.00 10.96 5.79
C GLY A 249 18.12 11.33 4.33
N GLN A 250 18.82 10.51 3.53
CA GLN A 250 18.98 10.77 2.12
C GLN A 250 19.82 12.00 1.83
N GLN A 251 20.44 12.47 2.88
CA GLN A 251 21.28 13.62 2.79
C GLN A 251 22.70 13.10 3.01
N VAL A 252 23.64 13.62 2.23
CA VAL A 252 25.02 13.22 2.37
C VAL A 252 25.73 14.27 3.17
N LEU A 253 26.25 13.88 4.32
CA LEU A 253 26.95 14.81 5.20
C LEU A 253 28.36 14.97 4.72
N CYS A 254 28.98 13.86 4.37
CA CYS A 254 30.35 13.93 3.92
C CYS A 254 30.57 12.91 2.84
N GLN A 255 31.65 13.02 2.09
CA GLN A 255 31.91 12.11 0.99
C GLN A 255 33.38 12.00 0.58
N ARG A 256 33.83 10.79 0.21
CA ARG A 256 35.21 10.60 -0.25
C ARG A 256 35.22 9.51 -1.27
N ARG A 257 36.20 9.54 -2.15
CA ARG A 257 36.37 8.60 -3.25
C ARG A 257 37.75 7.88 -3.31
N THR A 258 38.02 7.26 -4.46
CA THR A 258 39.29 6.57 -4.72
C THR A 258 39.54 6.85 -6.18
N SER A 259 40.75 6.52 -6.62
CA SER A 259 41.13 6.75 -8.00
C SER A 259 40.53 5.75 -8.96
N PRO A 260 40.22 6.19 -10.17
CA PRO A 260 39.65 5.28 -11.16
C PRO A 260 40.70 4.25 -11.62
N LYS A 261 40.20 3.08 -12.01
CA LYS A 261 40.99 1.94 -12.50
C LYS A 261 40.16 1.12 -13.48
N PRO A 262 40.82 0.36 -14.36
CA PRO A 262 40.05 -0.44 -15.30
C PRO A 262 39.24 -1.49 -14.54
N PHE A 263 38.10 -1.82 -15.12
CA PHE A 263 37.21 -2.76 -14.49
C PHE A 263 37.69 -4.23 -14.68
N THR A 264 38.38 -4.72 -13.66
CA THR A 264 38.90 -6.07 -13.67
C THR A 264 38.19 -6.97 -12.66
N GLU A 265 38.33 -8.29 -12.79
CA GLU A 265 37.67 -9.21 -11.86
C GLU A 265 38.11 -8.91 -10.41
N GLU A 266 39.23 -8.23 -10.23
CA GLU A 266 39.62 -7.88 -8.90
C GLU A 266 40.35 -6.56 -8.92
N VAL A 267 39.74 -5.53 -8.33
CA VAL A 267 40.38 -4.21 -8.27
C VAL A 267 40.76 -3.86 -6.85
N LEU A 268 42.05 -3.68 -6.64
CA LEU A 268 42.57 -3.35 -5.32
C LEU A 268 42.84 -1.86 -5.13
N TRP A 269 43.00 -1.48 -3.86
CA TRP A 269 43.24 -0.08 -3.47
C TRP A 269 44.00 0.01 -2.17
N ASN A 270 43.47 -0.66 -1.16
CA ASN A 270 44.06 -0.58 0.15
C ASN A 270 44.37 0.88 0.51
N VAL A 271 43.48 1.79 0.09
CA VAL A 271 43.59 3.26 0.28
C VAL A 271 42.76 3.77 1.47
N TRP A 272 43.34 4.54 2.36
CA TRP A 272 42.58 5.11 3.49
C TRP A 272 41.86 6.40 3.08
N LEU A 273 40.57 6.47 3.40
CA LEU A 273 39.70 7.60 3.12
C LEU A 273 39.41 8.28 4.44
N GLU A 274 39.72 9.57 4.52
CA GLU A 274 39.45 10.35 5.74
C GLU A 274 38.22 11.24 5.49
N PHE A 275 37.31 11.24 6.45
CA PHE A 275 36.11 12.05 6.26
C PHE A 275 36.27 13.31 7.11
N SER A 276 35.66 14.39 6.62
CA SER A 276 35.67 15.67 7.28
C SER A 276 34.74 15.73 8.46
N ILE A 277 34.27 14.62 8.99
CA ILE A 277 33.38 14.71 10.14
C ILE A 277 33.91 14.07 11.41
N LYS A 278 33.62 14.62 12.56
CA LYS A 278 34.11 14.01 13.81
C LYS A 278 33.28 12.87 14.32
N ILE A 279 33.99 11.81 14.71
CA ILE A 279 33.35 10.64 15.28
C ILE A 279 32.26 11.05 16.25
N LYS A 280 32.52 12.04 17.08
CA LYS A 280 31.55 12.46 18.06
C LYS A 280 30.35 13.19 17.45
N ASP A 281 30.37 13.37 16.13
CA ASP A 281 29.32 14.07 15.43
C ASP A 281 28.38 13.18 14.63
N LEU A 282 28.75 11.90 14.48
CA LEU A 282 27.93 10.92 13.78
C LEU A 282 26.67 10.63 14.64
N PRO A 283 25.49 10.87 14.07
CA PRO A 283 24.18 10.65 14.73
C PRO A 283 23.69 9.18 14.61
N LYS A 284 22.77 8.77 15.47
CA LYS A 284 22.30 7.38 15.37
C LYS A 284 21.36 7.25 14.19
N GLY A 285 21.70 6.33 13.30
CA GLY A 285 20.93 6.06 12.09
C GLY A 285 21.71 6.46 10.85
N ALA A 286 22.91 6.96 11.07
CA ALA A 286 23.68 7.39 9.91
C ALA A 286 24.18 6.18 9.21
N LEU A 287 24.17 6.23 7.89
CA LEU A 287 24.67 5.12 7.09
C LEU A 287 26.01 5.36 6.39
N LEU A 288 26.85 4.34 6.38
CA LEU A 288 28.07 4.46 5.65
C LEU A 288 27.68 3.93 4.30
N ASN A 289 27.23 4.79 3.40
CA ASN A 289 26.81 4.34 2.07
C ASN A 289 27.99 4.08 1.20
N LEU A 290 28.20 2.82 0.73
CA LEU A 290 29.34 2.49 -0.21
C LEU A 290 28.83 2.27 -1.60
N GLN A 291 29.41 2.95 -2.60
CA GLN A 291 28.96 2.89 -3.99
C GLN A 291 30.10 2.70 -4.99
N ILE A 292 29.78 2.29 -6.21
CA ILE A 292 30.81 2.04 -7.20
C ILE A 292 30.33 2.50 -8.56
N TYR A 293 31.08 3.42 -9.16
CA TYR A 293 30.69 3.97 -10.45
C TYR A 293 31.59 3.42 -11.54
N CYS A 294 31.02 3.28 -12.72
CA CYS A 294 31.79 2.74 -13.81
C CYS A 294 31.80 3.61 -15.06
N GLY A 295 32.99 4.01 -15.50
CA GLY A 295 33.08 4.83 -16.70
C GLY A 295 32.73 4.09 -17.97
N GLN A 318 28.53 6.82 -13.98
CA GLN A 318 27.35 5.98 -13.74
C GLN A 318 27.39 5.02 -12.51
N LEU A 319 26.31 5.00 -11.74
CA LEU A 319 26.28 4.12 -10.56
C LEU A 319 26.02 2.69 -11.03
N LEU A 320 26.55 1.75 -10.28
CA LEU A 320 26.42 0.36 -10.65
C LEU A 320 26.24 -0.58 -9.43
N TYR A 321 27.02 -0.40 -8.37
CA TYR A 321 26.80 -1.28 -7.25
C TYR A 321 26.76 -0.47 -5.95
N TYR A 322 25.86 -0.79 -5.00
CA TYR A 322 25.91 -0.07 -3.74
C TYR A 322 25.72 -0.97 -2.54
N VAL A 323 26.17 -0.59 -1.35
CA VAL A 323 25.85 -1.39 -0.18
C VAL A 323 25.78 -0.45 0.98
N ASN A 324 25.26 -0.83 2.12
CA ASN A 324 25.23 0.16 3.19
C ASN A 324 25.56 -0.48 4.55
N LEU A 325 26.06 0.32 5.48
CA LEU A 325 26.32 -0.17 6.81
C LEU A 325 26.00 0.88 7.84
N LEU A 326 25.17 0.54 8.81
CA LEU A 326 24.84 1.47 9.85
C LEU A 326 26.10 1.69 10.70
N LEU A 327 26.53 2.95 10.89
CA LEU A 327 27.75 3.19 11.64
C LEU A 327 27.56 3.02 13.10
N ILE A 328 26.34 3.21 13.56
CA ILE A 328 26.06 3.03 14.96
C ILE A 328 25.06 1.88 14.96
N ASP A 329 25.36 0.82 15.71
CA ASP A 329 24.51 -0.32 15.70
C ASP A 329 23.37 -0.21 16.66
N HIS A 330 22.63 -1.29 16.77
CA HIS A 330 21.47 -1.26 17.58
C HIS A 330 21.76 -1.18 19.05
N ARG A 331 23.04 -1.35 19.45
CA ARG A 331 23.44 -1.30 20.88
C ARG A 331 24.09 0.05 21.17
N PHE A 332 24.17 0.90 20.16
CA PHE A 332 24.74 2.23 20.29
C PHE A 332 26.24 2.24 20.17
N LEU A 333 26.79 1.16 19.64
CA LEU A 333 28.21 1.01 19.49
C LEU A 333 28.70 1.52 18.13
N LEU A 334 29.94 1.95 18.01
CA LEU A 334 30.45 2.40 16.72
C LEU A 334 30.94 1.22 15.94
N ARG A 335 30.33 0.91 14.82
CA ARG A 335 30.79 -0.22 14.05
C ARG A 335 32.30 -0.29 13.82
N HIS A 336 32.92 -1.45 13.94
CA HIS A 336 34.35 -1.52 13.68
C HIS A 336 34.71 -2.90 13.10
N GLY A 337 35.98 -3.13 12.80
CA GLY A 337 36.33 -4.44 12.30
C GLY A 337 36.39 -4.52 10.79
N GLU A 338 36.59 -5.74 10.31
CA GLU A 338 36.70 -6.04 8.90
C GLU A 338 35.29 -6.29 8.39
N TYR A 339 35.10 -6.11 7.08
CA TYR A 339 33.80 -6.31 6.48
C TYR A 339 33.92 -6.66 5.02
N VAL A 340 33.15 -7.68 4.65
CA VAL A 340 33.10 -8.08 3.26
C VAL A 340 31.61 -8.08 2.96
N LEU A 341 31.11 -6.95 2.52
CA LEU A 341 29.71 -6.81 2.24
C LEU A 341 29.43 -7.06 0.77
N HIS A 342 28.41 -7.89 0.54
CA HIS A 342 27.96 -8.21 -0.80
C HIS A 342 26.87 -7.22 -1.17
N MET A 343 27.11 -6.64 -2.33
CA MET A 343 26.39 -5.55 -2.92
C MET A 343 25.27 -5.75 -3.88
N TRP A 344 24.40 -4.76 -3.94
CA TRP A 344 23.28 -4.79 -4.84
C TRP A 344 23.68 -4.07 -6.10
N GLN A 345 23.18 -4.53 -7.25
CA GLN A 345 23.48 -3.88 -8.53
C GLN A 345 22.33 -3.04 -9.03
N LEU A 346 22.61 -1.98 -9.76
CA LEU A 346 21.56 -1.13 -10.28
C LEU A 346 21.17 -1.51 -11.72
N SER A 347 19.88 -1.42 -12.04
CA SER A 347 19.42 -1.72 -13.41
C SER A 347 19.50 -0.47 -14.29
N PHE A 356 17.71 7.38 -5.04
CA PHE A 356 16.50 7.65 -5.81
C PHE A 356 15.23 6.87 -5.38
N ASN A 357 15.37 5.69 -4.79
CA ASN A 357 14.20 4.98 -4.33
C ASN A 357 14.58 4.28 -3.07
N ALA A 358 13.58 3.69 -2.42
CA ALA A 358 13.75 3.00 -1.13
C ALA A 358 14.79 1.89 -1.00
N ASP A 359 14.92 1.03 -2.00
CA ASP A 359 15.90 -0.04 -1.87
C ASP A 359 17.31 0.47 -1.68
N LYS A 360 17.61 1.64 -2.26
CA LYS A 360 18.95 2.14 -2.08
C LYS A 360 19.25 2.46 -0.60
N LEU A 361 18.27 2.36 0.29
CA LEU A 361 18.56 2.66 1.66
C LEU A 361 18.77 1.51 2.63
N THR A 362 18.53 0.29 2.19
CA THR A 362 18.66 -0.92 3.01
C THR A 362 19.92 -1.22 3.67
N SER A 363 19.85 -1.81 4.85
CA SER A 363 21.11 -2.18 5.54
C SER A 363 21.36 -3.67 5.23
N ALA A 364 20.53 -4.23 4.37
CA ALA A 364 20.66 -5.61 4.04
C ALA A 364 21.70 -5.93 3.00
N THR A 365 22.36 -7.09 3.14
CA THR A 365 23.34 -7.44 2.13
C THR A 365 22.81 -8.40 1.13
N ASN A 366 23.38 -8.37 -0.05
CA ASN A 366 22.92 -9.25 -1.11
C ASN A 366 23.22 -10.79 -0.74
N PRO A 367 22.17 -11.64 -0.63
CA PRO A 367 22.38 -13.06 -0.28
C PRO A 367 23.14 -13.91 -1.32
N ASP A 368 22.97 -13.60 -2.60
CA ASP A 368 23.65 -14.34 -3.62
C ASP A 368 25.14 -14.02 -3.57
N LYS A 369 25.92 -14.71 -2.74
CA LYS A 369 27.35 -14.45 -2.62
C LYS A 369 28.17 -14.88 -3.83
N GLU A 370 27.69 -15.87 -4.57
CA GLU A 370 28.39 -16.38 -5.73
C GLU A 370 28.36 -15.48 -6.92
N ASN A 371 27.38 -14.61 -7.02
CA ASN A 371 27.33 -13.77 -8.18
C ASN A 371 27.33 -12.27 -7.85
N SER A 372 27.38 -11.94 -6.57
CA SER A 372 27.33 -10.54 -6.20
C SER A 372 28.64 -9.87 -5.90
N MET A 373 28.90 -8.78 -6.60
CA MET A 373 30.11 -8.02 -6.31
C MET A 373 30.27 -7.81 -4.78
N SER A 374 31.47 -7.90 -4.26
CA SER A 374 31.69 -7.72 -2.85
C SER A 374 32.66 -6.54 -2.63
N ILE A 375 32.71 -6.01 -1.41
CA ILE A 375 33.57 -4.91 -1.08
C ILE A 375 34.22 -5.23 0.26
N SER A 376 35.52 -5.00 0.26
CA SER A 376 36.29 -5.31 1.42
C SER A 376 36.74 -4.03 1.97
N ILE A 377 36.36 -3.80 3.21
CA ILE A 377 36.71 -2.57 3.86
C ILE A 377 37.19 -2.81 5.26
N LEU A 378 37.87 -1.78 5.77
CA LEU A 378 38.43 -1.82 7.10
C LEU A 378 38.07 -0.59 7.91
N LEU A 379 37.42 -0.84 9.06
CA LEU A 379 37.01 0.22 9.96
C LEU A 379 37.98 0.35 11.14
N ASP A 380 38.34 1.59 11.49
CA ASP A 380 39.27 1.86 12.60
C ASP A 380 39.10 0.98 13.85
N ASN A 381 40.06 0.11 14.09
CA ASN A 381 40.01 -0.75 15.25
C ASN A 381 40.29 0.08 16.47
N TYR A 382 39.33 0.14 17.37
CA TYR A 382 39.49 0.93 18.56
C TYR A 382 38.83 0.20 19.71
N CYS A 383 39.02 0.69 20.90
CA CYS A 383 38.44 0.04 22.04
C CYS A 383 36.91 -0.13 21.86
N HIS A 384 36.15 0.84 22.37
CA HIS A 384 34.70 0.78 22.29
C HIS A 384 33.99 2.09 22.47
N PRO A 385 33.95 2.92 21.41
CA PRO A 385 33.29 4.24 21.36
C PRO A 385 31.79 3.98 21.34
N ILE A 386 31.08 4.48 22.34
CA ILE A 386 29.62 4.30 22.44
C ILE A 386 28.93 5.66 22.42
N ALA A 387 27.73 5.70 21.82
CA ALA A 387 26.91 6.91 21.73
C ALA A 387 26.14 6.90 23.01
N LEU A 388 25.92 8.09 23.56
CA LEU A 388 25.23 8.26 24.85
C LEU A 388 23.77 8.74 24.77
N PRO A 389 22.81 7.95 25.26
CA PRO A 389 21.41 8.44 25.19
C PRO A 389 21.23 9.73 26.00
N LYS A 390 20.72 10.77 25.34
CA LYS A 390 20.51 12.09 25.96
C LYS A 390 19.48 12.10 27.11
N HIS A 391 19.65 13.02 28.05
CA HIS A 391 18.75 13.15 29.20
C HIS A 391 17.54 14.04 28.88
N GLU A 405 8.16 36.03 20.20
CA GLU A 405 8.17 37.44 19.82
C GLU A 405 9.29 37.71 18.85
N MET A 406 8.95 38.35 17.72
CA MET A 406 9.92 38.66 16.69
C MET A 406 9.43 39.74 15.72
N PRO A 407 10.36 40.35 14.94
CA PRO A 407 10.05 41.39 13.97
C PRO A 407 9.04 40.92 12.97
N ASN A 408 7.89 41.56 12.95
CA ASN A 408 6.83 41.22 12.03
C ASN A 408 7.31 40.83 10.64
N GLN A 409 7.99 41.75 9.97
CA GLN A 409 8.45 41.51 8.64
C GLN A 409 9.11 40.12 8.51
N LEU A 410 9.68 39.62 9.59
CA LEU A 410 10.34 38.31 9.55
C LEU A 410 9.31 37.18 9.77
N ARG A 411 8.54 37.30 10.85
CA ARG A 411 7.49 36.35 11.18
C ARG A 411 6.68 36.11 9.93
N LYS A 412 6.60 37.13 9.08
CA LYS A 412 5.84 36.95 7.86
C LYS A 412 6.52 36.07 6.86
N GLN A 413 7.84 36.14 6.76
CA GLN A 413 8.53 35.33 5.78
C GLN A 413 8.71 33.92 6.24
N LEU A 414 8.58 33.74 7.54
CA LEU A 414 8.70 32.44 8.16
C LEU A 414 7.47 31.64 7.77
N GLU A 415 6.31 32.29 7.83
CA GLU A 415 5.01 31.65 7.52
C GLU A 415 4.89 31.39 6.04
N ALA A 416 5.66 32.15 5.27
CA ALA A 416 5.67 31.99 3.81
C ALA A 416 6.32 30.65 3.45
N ILE A 417 7.25 30.19 4.31
CA ILE A 417 7.98 28.91 4.15
C ILE A 417 7.13 27.78 4.73
N ILE A 418 6.68 27.93 5.96
CA ILE A 418 5.87 26.93 6.61
C ILE A 418 4.61 26.66 5.81
N ALA A 419 4.27 27.60 4.94
CA ALA A 419 3.07 27.48 4.15
C ALA A 419 3.30 26.92 2.74
N THR A 420 4.46 26.31 2.53
CA THR A 420 4.80 25.74 1.23
C THR A 420 4.60 24.23 1.22
N ASP A 421 3.90 23.74 0.20
CA ASP A 421 3.66 22.31 0.08
C ASP A 421 4.91 21.53 0.40
N PRO A 422 4.76 20.20 0.57
CA PRO A 422 5.84 19.29 0.90
C PRO A 422 6.96 19.24 -0.15
N LEU A 423 6.62 19.37 -1.43
CA LEU A 423 7.61 19.32 -2.50
C LEU A 423 8.44 20.58 -2.70
N ASN A 424 8.13 21.64 -1.98
CA ASN A 424 8.92 22.84 -2.15
C ASN A 424 10.25 22.73 -1.42
N PRO A 425 11.34 23.18 -2.06
CA PRO A 425 12.69 23.10 -1.45
C PRO A 425 12.90 24.06 -0.29
N LEU A 426 14.13 24.07 0.20
CA LEU A 426 14.43 24.95 1.28
C LEU A 426 15.82 25.43 1.05
N THR A 427 15.96 26.74 0.87
CA THR A 427 17.23 27.37 0.64
C THR A 427 18.00 27.41 1.95
N ALA A 428 19.26 27.73 1.84
CA ALA A 428 20.08 27.87 3.01
C ALA A 428 19.47 28.91 3.91
N GLU A 429 18.93 29.97 3.34
CA GLU A 429 18.35 31.03 4.15
C GLU A 429 17.09 30.54 4.84
N ASP A 430 16.27 29.86 4.06
CA ASP A 430 15.04 29.29 4.58
C ASP A 430 15.35 28.44 5.80
N LYS A 431 16.40 27.62 5.69
CA LYS A 431 16.74 26.74 6.78
C LYS A 431 17.23 27.44 8.01
N GLU A 432 18.25 28.28 7.84
CA GLU A 432 18.81 29.04 8.96
C GLU A 432 17.71 29.83 9.68
N LEU A 433 16.74 30.29 8.89
CA LEU A 433 15.66 31.09 9.45
C LEU A 433 14.80 30.24 10.32
N LEU A 434 14.45 29.07 9.79
CA LEU A 434 13.62 28.09 10.45
C LEU A 434 14.25 27.66 11.76
N TRP A 435 15.57 27.49 11.77
CA TRP A 435 16.28 27.06 12.96
C TRP A 435 16.36 28.11 14.04
N HIS A 436 16.86 29.28 13.67
CA HIS A 436 17.01 30.39 14.62
C HIS A 436 15.76 30.58 15.47
N PHE A 437 14.62 30.40 14.82
CA PHE A 437 13.32 30.54 15.45
C PHE A 437 12.70 29.18 15.73
N ARG A 438 13.52 28.29 16.26
CA ARG A 438 13.05 26.97 16.59
C ARG A 438 11.72 27.03 17.35
N TYR A 439 11.78 27.55 18.58
CA TYR A 439 10.64 27.62 19.50
C TYR A 439 9.40 28.33 19.02
N GLU A 440 9.57 29.09 17.96
CA GLU A 440 8.46 29.78 17.36
C GLU A 440 7.83 28.80 16.39
N SER A 441 8.63 28.33 15.42
CA SER A 441 8.21 27.34 14.45
C SER A 441 7.58 26.15 15.19
N LEU A 442 8.04 25.89 16.40
CA LEU A 442 7.59 24.78 17.19
C LEU A 442 6.16 24.84 17.63
N LYS A 443 5.54 26.02 17.55
CA LYS A 443 4.16 26.15 18.01
C LYS A 443 3.18 25.72 16.94
N ASP A 444 3.69 25.63 15.71
CA ASP A 444 2.86 25.23 14.60
C ASP A 444 3.22 23.82 14.10
N PRO A 445 2.30 22.85 14.25
CA PRO A 445 2.54 21.45 13.83
C PRO A 445 2.92 21.32 12.34
N LYS A 446 2.26 22.06 11.46
CA LYS A 446 2.60 21.99 10.07
C LYS A 446 4.02 22.42 9.71
N ALA A 447 4.84 22.71 10.70
CA ALA A 447 6.19 23.18 10.44
C ALA A 447 7.21 22.13 10.70
N TYR A 448 6.79 21.12 11.43
CA TYR A 448 7.66 20.05 11.83
C TYR A 448 8.50 19.40 10.74
N PRO A 449 7.88 19.04 9.60
CA PRO A 449 8.66 18.42 8.51
C PRO A 449 9.72 19.40 8.03
N LYS A 450 9.34 20.66 7.86
CA LYS A 450 10.30 21.67 7.41
C LYS A 450 11.35 22.05 8.43
N LEU A 451 10.92 22.16 9.69
CA LEU A 451 11.78 22.53 10.78
C LEU A 451 12.82 21.51 11.01
N PHE A 452 12.43 20.23 11.06
CA PHE A 452 13.41 19.17 11.32
C PHE A 452 14.34 18.83 10.18
N SER A 453 14.09 19.43 9.02
CA SER A 453 14.97 19.30 7.85
C SER A 453 15.96 20.46 7.83
N SER A 454 15.80 21.46 8.70
CA SER A 454 16.77 22.55 8.67
C SER A 454 17.80 22.18 9.74
N VAL A 455 17.59 21.01 10.33
CA VAL A 455 18.49 20.58 11.34
C VAL A 455 19.75 20.11 10.67
N LYS A 456 20.87 20.35 11.37
CA LYS A 456 22.18 19.94 10.92
C LYS A 456 22.44 18.72 11.78
N TRP A 457 22.06 17.55 11.26
CA TRP A 457 22.24 16.35 12.05
C TRP A 457 23.70 15.95 12.20
N GLY A 458 24.61 16.45 11.35
CA GLY A 458 26.05 16.16 11.49
C GLY A 458 26.76 16.96 12.61
N GLN A 459 25.98 17.62 13.44
CA GLN A 459 26.55 18.37 14.49
C GLN A 459 25.90 17.91 15.75
N GLN A 460 26.67 17.17 16.56
CA GLN A 460 26.18 16.61 17.84
C GLN A 460 25.53 17.65 18.70
N GLU A 461 26.15 18.84 18.72
CA GLU A 461 25.65 19.98 19.51
C GLU A 461 24.27 20.38 19.01
N ILE A 462 24.09 20.48 17.69
CA ILE A 462 22.78 20.88 17.18
C ILE A 462 21.72 19.85 17.47
N VAL A 463 22.06 18.57 17.33
CA VAL A 463 21.09 17.53 17.62
C VAL A 463 20.51 17.63 19.03
N ALA A 464 21.42 17.73 19.98
CA ALA A 464 21.06 17.83 21.40
C ALA A 464 20.06 18.92 21.64
N LYS A 465 20.27 20.06 20.97
CA LYS A 465 19.30 21.11 21.21
C LYS A 465 18.04 20.59 20.63
N THR A 466 18.13 19.98 19.45
CA THR A 466 16.92 19.48 18.80
C THR A 466 16.13 18.58 19.74
N TYR A 467 16.84 17.71 20.47
CA TYR A 467 16.16 16.83 21.41
C TYR A 467 15.55 17.63 22.54
N GLN A 468 16.27 18.66 22.96
CA GLN A 468 15.76 19.52 24.02
C GLN A 468 14.48 20.13 23.54
N LEU A 469 14.50 20.60 22.31
CA LEU A 469 13.36 21.25 21.67
C LEU A 469 12.14 20.34 21.66
N LEU A 470 12.37 19.03 21.68
CA LEU A 470 11.27 18.07 21.66
C LEU A 470 10.85 17.61 23.05
N ALA A 471 11.77 17.72 24.00
CA ALA A 471 11.46 17.32 25.38
C ALA A 471 10.11 17.89 25.72
N LYS A 472 9.85 19.12 25.25
CA LYS A 472 8.59 19.77 25.51
C LYS A 472 7.77 19.81 24.24
N ARG A 473 6.89 18.82 24.10
CA ARG A 473 6.05 18.66 22.92
C ARG A 473 4.57 18.89 23.19
N GLU A 474 4.28 19.99 23.86
CA GLU A 474 2.90 20.27 24.17
C GLU A 474 2.03 20.61 22.96
N VAL A 475 2.48 21.56 22.14
CA VAL A 475 1.70 21.96 20.97
C VAL A 475 1.44 20.78 20.03
N TRP A 476 2.35 19.81 20.07
CA TRP A 476 2.23 18.66 19.22
C TRP A 476 1.35 17.65 19.90
N ASP A 477 1.69 17.29 21.13
CA ASP A 477 0.89 16.31 21.85
C ASP A 477 -0.60 16.63 21.78
N GLN A 478 -0.93 17.91 21.83
CA GLN A 478 -2.32 18.39 21.86
C GLN A 478 -2.88 18.69 20.50
N SER A 479 -2.08 18.49 19.47
CA SER A 479 -2.54 18.81 18.13
C SER A 479 -3.58 17.78 17.61
N ALA A 480 -4.36 18.13 16.61
CA ALA A 480 -5.28 17.11 16.16
C ALA A 480 -4.52 16.26 15.14
N LEU A 481 -4.67 14.93 15.26
CA LEU A 481 -4.00 13.97 14.35
C LEU A 481 -4.11 14.39 12.89
N ASP A 482 -2.98 14.49 12.21
CA ASP A 482 -3.03 14.86 10.81
C ASP A 482 -2.19 13.75 10.07
N VAL A 483 -2.89 12.82 9.40
CA VAL A 483 -2.20 11.70 8.76
C VAL A 483 -1.16 12.22 7.79
N GLY A 484 -1.60 13.11 6.90
CA GLY A 484 -0.66 13.71 5.99
C GLY A 484 0.62 14.24 6.63
N LEU A 485 0.51 15.03 7.68
CA LEU A 485 1.69 15.57 8.36
C LEU A 485 2.51 14.41 9.00
N THR A 486 1.79 13.51 9.65
CA THR A 486 2.48 12.44 10.29
C THR A 486 3.25 11.60 9.25
N MET A 487 2.69 11.39 8.07
CA MET A 487 3.39 10.62 7.05
C MET A 487 4.64 11.28 6.62
N GLN A 488 4.61 12.60 6.54
CA GLN A 488 5.85 13.25 6.12
C GLN A 488 6.96 13.04 7.04
N LEU A 489 6.69 12.78 8.32
CA LEU A 489 7.83 12.55 9.21
C LEU A 489 8.39 11.12 9.14
N LEU A 490 7.64 10.20 8.53
CA LEU A 490 8.07 8.82 8.41
C LEU A 490 8.74 8.46 7.05
N ASP A 491 8.86 9.42 6.12
CA ASP A 491 9.43 9.13 4.82
C ASP A 491 10.94 9.09 4.85
N CYS A 492 11.60 9.16 3.73
CA CYS A 492 13.02 9.04 3.77
C CYS A 492 13.80 10.28 4.19
N ASN A 493 13.14 11.37 4.49
CA ASN A 493 13.89 12.52 4.91
C ASN A 493 14.32 12.48 6.41
N PHE A 494 13.65 11.72 7.23
CA PHE A 494 14.07 11.72 8.63
C PHE A 494 14.65 10.39 9.10
N SER A 495 15.87 10.39 9.61
CA SER A 495 16.47 9.18 10.06
C SER A 495 16.55 9.14 11.57
N ASP A 496 16.23 10.25 12.20
CA ASP A 496 16.31 10.33 13.62
C ASP A 496 15.19 9.58 14.34
N GLU A 497 15.58 8.75 15.32
CA GLU A 497 14.64 7.92 16.07
C GLU A 497 13.61 8.72 16.86
N ASN A 498 14.01 9.83 17.42
CA ASN A 498 13.04 10.59 18.17
C ASN A 498 12.11 11.36 17.25
N VAL A 499 12.56 11.83 16.09
CA VAL A 499 11.60 12.57 15.24
C VAL A 499 10.60 11.59 14.68
N ARG A 500 11.01 10.35 14.40
CA ARG A 500 10.01 9.45 13.82
C ARG A 500 8.98 9.02 14.83
N ALA A 501 9.46 8.79 16.05
CA ALA A 501 8.61 8.32 17.16
C ALA A 501 7.54 9.29 17.47
N ILE A 502 7.74 10.57 17.23
CA ILE A 502 6.66 11.46 17.57
C ILE A 502 5.60 11.27 16.54
N ALA A 503 5.94 11.00 15.29
CA ALA A 503 4.87 10.81 14.34
C ALA A 503 4.12 9.53 14.70
N VAL A 504 4.83 8.48 15.06
CA VAL A 504 4.19 7.25 15.43
C VAL A 504 3.28 7.46 16.60
N GLN A 505 3.69 8.38 17.45
CA GLN A 505 2.90 8.75 18.60
C GLN A 505 1.53 9.20 18.17
N LYS A 506 1.47 10.01 17.13
CA LYS A 506 0.18 10.51 16.66
C LYS A 506 -0.65 9.42 16.00
N LEU A 507 0.01 8.37 15.52
CA LEU A 507 -0.74 7.28 14.88
C LEU A 507 -1.46 6.45 15.93
N GLU A 508 -0.91 6.31 17.16
CA GLU A 508 -1.55 5.50 18.21
C GLU A 508 -3.00 5.90 18.35
N SER A 509 -3.28 7.12 17.95
CA SER A 509 -4.62 7.66 18.05
C SER A 509 -5.60 7.26 16.95
N LEU A 510 -5.16 6.40 16.03
CA LEU A 510 -6.06 6.01 14.93
C LEU A 510 -6.89 4.81 15.32
N GLU A 511 -8.18 4.85 15.00
CA GLU A 511 -9.02 3.69 15.29
C GLU A 511 -8.77 2.70 14.14
N ASP A 512 -9.05 1.43 14.36
CA ASP A 512 -8.87 0.41 13.35
C ASP A 512 -9.38 0.75 11.94
N ASP A 513 -10.59 1.24 11.81
CA ASP A 513 -11.07 1.57 10.48
C ASP A 513 -10.12 2.50 9.74
N ASP A 514 -9.37 3.36 10.45
CA ASP A 514 -8.42 4.23 9.72
C ASP A 514 -7.09 3.50 9.45
N VAL A 515 -6.62 2.68 10.39
CA VAL A 515 -5.39 1.98 10.19
C VAL A 515 -5.48 1.24 8.89
N LEU A 516 -6.60 0.54 8.72
CA LEU A 516 -6.90 -0.23 7.52
C LEU A 516 -6.89 0.68 6.22
N HIS A 517 -7.03 1.99 6.32
CA HIS A 517 -6.96 2.79 5.15
C HIS A 517 -5.51 3.11 4.83
N TYR A 518 -4.67 3.23 5.85
CA TYR A 518 -3.30 3.56 5.59
C TYR A 518 -2.30 2.53 5.88
N LEU A 519 -2.71 1.28 5.98
CA LEU A 519 -1.80 0.21 6.32
C LEU A 519 -0.75 -0.13 5.33
N LEU A 520 -1.19 -0.42 4.11
CA LEU A 520 -0.22 -0.68 3.03
C LEU A 520 0.94 0.32 3.07
N GLN A 521 0.62 1.62 3.06
CA GLN A 521 1.67 2.68 3.01
C GLN A 521 2.47 2.73 4.34
N LEU A 522 1.77 2.55 5.46
CA LEU A 522 2.41 2.45 6.77
C LEU A 522 3.37 1.21 6.67
N VAL A 523 2.92 0.07 6.12
CA VAL A 523 3.85 -1.05 5.99
C VAL A 523 4.98 -0.67 4.99
N GLN A 524 4.70 0.00 3.87
CA GLN A 524 5.87 0.42 3.04
C GLN A 524 6.84 1.35 3.72
N ALA A 525 6.31 2.14 4.65
CA ALA A 525 7.16 3.13 5.33
C ALA A 525 8.21 2.46 6.17
N VAL A 526 8.00 1.19 6.51
CA VAL A 526 8.99 0.50 7.30
C VAL A 526 10.29 0.47 6.54
N LYS A 527 10.22 0.61 5.20
CA LYS A 527 11.49 0.58 4.52
C LYS A 527 12.31 1.83 4.76
N PHE A 528 11.80 2.88 5.33
CA PHE A 528 12.69 4.04 5.54
C PHE A 528 13.29 3.99 6.97
N GLU A 529 12.84 3.03 7.76
CA GLU A 529 13.38 2.93 9.12
C GLU A 529 14.84 2.56 9.09
N PRO A 530 15.62 3.29 9.84
CA PRO A 530 17.00 2.85 9.73
C PRO A 530 17.35 1.58 10.47
N TYR A 531 16.59 1.23 11.52
CA TYR A 531 16.79 -0.07 12.25
C TYR A 531 15.62 -1.00 12.14
N HIS A 532 15.86 -2.30 12.30
CA HIS A 532 14.72 -3.27 12.22
C HIS A 532 13.76 -3.14 13.34
N ASP A 533 14.22 -2.64 14.45
CA ASP A 533 13.25 -2.55 15.52
C ASP A 533 12.84 -1.13 15.63
N SER A 534 11.56 -0.81 15.59
CA SER A 534 11.26 0.60 15.62
C SER A 534 9.92 0.83 16.15
N ALA A 535 9.69 2.06 16.47
CA ALA A 535 8.42 2.38 16.91
C ALA A 535 7.38 2.03 15.88
N LEU A 536 7.62 2.37 14.59
CA LEU A 536 6.59 2.11 13.60
C LEU A 536 6.46 0.59 13.47
N ALA A 537 7.60 -0.10 13.53
CA ALA A 537 7.46 -1.57 13.44
C ALA A 537 6.64 -2.13 14.60
N ARG A 538 6.75 -1.52 15.79
CA ARG A 538 5.98 -2.08 16.90
C ARG A 538 4.58 -1.62 16.80
N PHE A 539 4.36 -0.45 16.24
CA PHE A 539 2.95 -0.05 16.10
C PHE A 539 2.28 -1.11 15.14
N LEU A 540 2.80 -1.43 13.95
CA LEU A 540 2.07 -2.41 13.10
C LEU A 540 1.87 -3.78 13.77
N LEU A 541 2.79 -4.23 14.64
CA LEU A 541 2.63 -5.53 15.38
C LEU A 541 1.41 -5.41 16.24
N LYS A 542 1.48 -4.38 17.06
CA LYS A 542 0.43 -4.08 18.00
C LYS A 542 -0.91 -3.95 17.32
N ARG A 543 -1.06 -3.22 16.19
CA ARG A 543 -2.45 -3.06 15.66
C ARG A 543 -2.91 -4.36 15.01
N GLY A 544 -1.97 -5.18 14.62
CA GLY A 544 -2.25 -6.46 14.00
C GLY A 544 -2.77 -7.45 15.01
N LEU A 545 -1.97 -7.78 16.04
CA LEU A 545 -2.32 -8.67 17.17
C LEU A 545 -3.63 -8.27 17.80
N ARG A 546 -3.89 -6.96 17.83
CA ARG A 546 -5.09 -6.38 18.40
C ARG A 546 -6.34 -6.46 17.56
N ASN A 547 -6.21 -6.82 16.31
CA ASN A 547 -7.41 -6.81 15.46
C ASN A 547 -7.30 -7.81 14.32
N LYS A 548 -8.34 -8.60 14.08
CA LYS A 548 -8.11 -9.61 13.07
C LYS A 548 -8.10 -9.11 11.69
N ARG A 549 -8.85 -8.05 11.41
CA ARG A 549 -8.89 -7.54 10.06
C ARG A 549 -7.56 -6.89 9.78
N ILE A 550 -7.09 -6.10 10.71
CA ILE A 550 -5.80 -5.53 10.49
C ILE A 550 -4.72 -6.60 10.33
N GLY A 551 -4.72 -7.67 11.12
CA GLY A 551 -3.66 -8.67 11.02
C GLY A 551 -3.69 -9.56 9.82
N HIS A 552 -4.89 -9.77 9.33
CA HIS A 552 -5.14 -10.54 8.11
C HIS A 552 -4.42 -9.81 7.00
N PHE A 553 -4.62 -8.49 6.91
CA PHE A 553 -3.94 -7.68 5.86
C PHE A 553 -2.49 -7.44 6.08
N LEU A 554 -2.08 -7.34 7.35
CA LEU A 554 -0.67 -7.07 7.66
C LEU A 554 0.06 -8.23 7.19
N PHE A 555 -0.51 -9.40 7.40
CA PHE A 555 0.13 -10.63 6.94
C PHE A 555 0.35 -10.51 5.44
N TRP A 556 -0.68 -10.25 4.64
CA TRP A 556 -0.48 -10.20 3.16
C TRP A 556 0.38 -9.07 2.68
N PHE A 557 0.29 -7.89 3.29
CA PHE A 557 1.19 -6.79 2.89
C PHE A 557 2.65 -7.16 3.16
N LEU A 558 2.94 -7.87 4.24
CA LEU A 558 4.33 -8.18 4.46
C LEU A 558 4.79 -9.32 3.64
N ARG A 559 3.97 -10.35 3.56
CA ARG A 559 4.35 -11.52 2.82
C ARG A 559 4.62 -11.17 1.37
N SER A 560 3.85 -10.22 0.85
CA SER A 560 4.05 -9.71 -0.48
C SER A 560 5.45 -9.19 -0.61
N GLU A 561 5.91 -8.48 0.40
CA GLU A 561 7.28 -7.97 0.32
C GLU A 561 8.34 -8.98 0.65
N ILE A 562 8.01 -10.01 1.45
CA ILE A 562 9.09 -10.96 1.74
C ILE A 562 9.36 -11.84 0.52
N ALA A 563 8.30 -12.13 -0.23
CA ALA A 563 8.37 -12.96 -1.41
C ALA A 563 9.10 -12.36 -2.56
N GLN A 564 9.20 -11.07 -2.67
CA GLN A 564 9.84 -10.62 -3.89
C GLN A 564 10.82 -9.49 -3.68
N SER A 565 11.21 -9.27 -2.41
CA SER A 565 12.15 -8.23 -2.04
C SER A 565 13.37 -8.75 -1.35
N ARG A 566 14.49 -8.86 -2.01
CA ARG A 566 15.56 -9.38 -1.21
C ARG A 566 16.13 -8.31 -0.27
N HIS A 567 15.92 -7.06 -0.64
CA HIS A 567 16.36 -5.89 0.10
C HIS A 567 15.71 -5.75 1.42
N TYR A 568 14.48 -6.21 1.54
CA TYR A 568 13.83 -6.05 2.80
C TYR A 568 13.21 -7.35 3.36
N GLN A 569 13.30 -8.48 2.68
CA GLN A 569 12.75 -9.68 3.24
C GLN A 569 13.20 -10.01 4.68
N GLN A 570 14.46 -9.81 5.05
CA GLN A 570 14.82 -10.14 6.39
C GLN A 570 14.04 -9.33 7.40
N ARG A 571 14.11 -8.02 7.29
CA ARG A 571 13.40 -7.22 8.26
C ARG A 571 11.98 -7.52 8.24
N PHE A 572 11.37 -7.69 7.04
CA PHE A 572 9.89 -7.97 7.09
C PHE A 572 9.64 -9.39 7.62
N ALA A 573 10.47 -10.33 7.24
CA ALA A 573 10.31 -11.64 7.81
C ALA A 573 10.33 -11.57 9.35
N VAL A 574 11.16 -10.78 9.99
CA VAL A 574 11.10 -10.73 11.43
C VAL A 574 9.83 -10.11 11.96
N ILE A 575 9.28 -9.12 11.28
CA ILE A 575 8.05 -8.53 11.80
C ILE A 575 6.89 -9.50 11.62
N LEU A 576 6.88 -10.29 10.53
CA LEU A 576 5.72 -11.19 10.30
C LEU A 576 5.76 -12.33 11.28
N GLU A 577 6.96 -12.90 11.53
CA GLU A 577 7.09 -14.02 12.51
C GLU A 577 6.52 -13.59 13.84
N ALA A 578 6.98 -12.46 14.36
CA ALA A 578 6.50 -11.90 15.58
C ALA A 578 5.00 -11.83 15.58
N TYR A 579 4.38 -11.49 14.46
CA TYR A 579 2.94 -11.43 14.38
C TYR A 579 2.35 -12.83 14.37
N LEU A 580 2.96 -13.75 13.65
CA LEU A 580 2.42 -15.08 13.58
C LEU A 580 2.40 -15.81 14.89
N ARG A 581 3.12 -15.24 15.85
CA ARG A 581 3.29 -15.76 17.14
C ARG A 581 2.29 -15.31 18.18
N GLY A 582 1.35 -14.43 17.80
CA GLY A 582 0.31 -13.96 18.71
C GLY A 582 -1.04 -13.76 18.03
N CYS A 583 -1.24 -14.17 16.78
CA CYS A 583 -2.58 -13.95 16.16
C CYS A 583 -3.55 -15.03 16.64
N GLY A 584 -3.01 -16.23 16.87
CA GLY A 584 -3.77 -17.35 17.39
C GLY A 584 -3.74 -18.62 16.55
N THR A 585 -4.13 -19.75 17.15
CA THR A 585 -4.13 -21.00 16.45
C THR A 585 -5.13 -20.90 15.31
N ALA A 586 -6.27 -20.28 15.53
CA ALA A 586 -7.22 -20.16 14.44
C ALA A 586 -6.66 -19.53 13.20
N MET A 587 -6.17 -18.30 13.33
CA MET A 587 -5.66 -17.60 12.17
C MET A 587 -4.52 -18.34 11.57
N LEU A 588 -3.73 -18.96 12.45
CA LEU A 588 -2.59 -19.71 11.95
C LEU A 588 -3.03 -20.82 11.03
N HIS A 589 -4.25 -21.32 11.22
CA HIS A 589 -4.73 -22.42 10.38
C HIS A 589 -5.33 -21.82 9.09
N ASP A 590 -6.00 -20.68 9.21
CA ASP A 590 -6.51 -20.04 8.01
C ASP A 590 -5.46 -19.66 6.97
N PHE A 591 -4.37 -19.07 7.49
CA PHE A 591 -3.27 -18.59 6.66
C PHE A 591 -2.68 -19.75 5.89
N THR A 592 -2.70 -20.90 6.52
CA THR A 592 -2.14 -22.09 5.93
C THR A 592 -3.02 -22.55 4.79
N GLN A 593 -4.33 -22.46 4.97
CA GLN A 593 -5.25 -22.89 3.92
C GLN A 593 -5.07 -22.00 2.70
N GLN A 594 -4.88 -20.73 2.99
CA GLN A 594 -4.65 -19.73 2.03
C GLN A 594 -3.31 -19.96 1.40
N VAL A 595 -2.27 -20.14 2.20
CA VAL A 595 -1.02 -20.31 1.53
C VAL A 595 -1.05 -21.54 0.55
N GLN A 596 -1.65 -22.64 0.95
CA GLN A 596 -1.72 -23.81 0.09
C GLN A 596 -2.41 -23.53 -1.21
N VAL A 597 -3.61 -22.98 -1.11
CA VAL A 597 -4.37 -22.68 -2.28
C VAL A 597 -3.62 -21.77 -3.19
N ILE A 598 -2.84 -20.88 -2.63
CA ILE A 598 -2.14 -20.00 -3.51
C ILE A 598 -0.97 -20.66 -4.23
N ASP A 599 -0.16 -21.45 -3.53
CA ASP A 599 0.96 -22.09 -4.19
C ASP A 599 0.50 -23.02 -5.28
N MET A 600 -0.45 -23.87 -4.92
CA MET A 600 -1.03 -24.83 -5.85
C MET A 600 -1.58 -24.16 -7.09
N LEU A 601 -2.38 -23.12 -6.89
CA LEU A 601 -2.99 -22.44 -8.00
C LEU A 601 -2.02 -21.60 -8.85
N GLN A 602 -0.90 -21.18 -8.29
CA GLN A 602 0.01 -20.39 -9.10
C GLN A 602 0.87 -21.29 -9.99
N LYS A 603 1.11 -22.50 -9.51
CA LYS A 603 1.88 -23.46 -10.30
C LYS A 603 1.07 -23.70 -11.58
N VAL A 604 -0.23 -23.81 -11.41
CA VAL A 604 -1.08 -24.00 -12.53
C VAL A 604 -1.05 -22.81 -13.48
N THR A 605 -1.14 -21.60 -12.91
CA THR A 605 -1.12 -20.36 -13.64
C THR A 605 0.07 -20.29 -14.58
N ILE A 606 1.25 -20.59 -14.04
CA ILE A 606 2.45 -20.56 -14.85
C ILE A 606 2.47 -21.73 -15.82
N ASP A 607 2.14 -22.92 -15.33
CA ASP A 607 2.11 -24.08 -16.26
C ASP A 607 1.15 -23.89 -17.42
N ILE A 608 0.14 -23.06 -17.25
CA ILE A 608 -0.80 -22.80 -18.33
C ILE A 608 -0.22 -21.71 -19.27
N LYS A 609 0.47 -20.73 -18.69
CA LYS A 609 1.01 -19.65 -19.54
C LYS A 609 1.97 -20.25 -20.56
N SER A 610 2.69 -21.29 -20.13
CA SER A 610 3.69 -21.95 -20.97
C SER A 610 3.12 -22.80 -22.15
N LEU A 611 1.81 -22.78 -22.37
CA LEU A 611 1.25 -23.49 -23.50
C LEU A 611 1.07 -22.66 -24.75
N SER A 612 1.46 -21.38 -24.70
CA SER A 612 1.38 -20.46 -25.85
C SER A 612 1.80 -19.05 -25.40
N ALA A 613 3.11 -18.78 -25.33
CA ALA A 613 3.61 -17.47 -24.88
C ALA A 613 3.67 -16.35 -25.94
N GLU A 614 3.02 -16.56 -27.08
CA GLU A 614 3.07 -15.52 -28.10
C GLU A 614 1.81 -15.49 -28.98
N LYS A 615 0.97 -16.51 -28.90
CA LYS A 615 -0.23 -16.49 -29.74
C LYS A 615 -1.52 -16.55 -28.96
N TYR A 616 -2.32 -15.49 -29.09
CA TYR A 616 -3.60 -15.37 -28.41
C TYR A 616 -4.58 -16.35 -29.02
N ASP A 617 -4.38 -17.60 -28.66
CA ASP A 617 -5.23 -18.64 -29.16
C ASP A 617 -5.43 -19.66 -28.05
N VAL A 618 -6.58 -19.58 -27.39
CA VAL A 618 -6.89 -20.51 -26.33
C VAL A 618 -7.19 -21.90 -26.90
N SER A 619 -6.15 -22.58 -27.39
CA SER A 619 -6.27 -23.92 -27.95
C SER A 619 -7.38 -24.74 -27.30
N SER A 620 -8.21 -25.38 -28.12
CA SER A 620 -9.31 -26.18 -27.59
C SER A 620 -8.76 -27.13 -26.54
N GLN A 621 -7.52 -27.55 -26.74
CA GLN A 621 -6.89 -28.46 -25.81
C GLN A 621 -6.35 -27.69 -24.62
N VAL A 622 -5.99 -26.43 -24.83
CA VAL A 622 -5.47 -25.68 -23.71
C VAL A 622 -6.53 -25.55 -22.62
N ILE A 623 -7.81 -25.54 -23.04
CA ILE A 623 -8.99 -25.42 -22.17
C ILE A 623 -9.21 -26.72 -21.38
N SER A 624 -9.04 -27.84 -22.05
CA SER A 624 -9.24 -29.12 -21.43
C SER A 624 -8.05 -29.35 -20.51
N GLN A 625 -6.88 -28.90 -20.95
CA GLN A 625 -5.68 -29.07 -20.17
C GLN A 625 -5.85 -28.43 -18.80
N LEU A 626 -6.42 -27.21 -18.76
CA LEU A 626 -6.66 -26.49 -17.51
C LEU A 626 -7.72 -27.17 -16.66
N LYS A 627 -8.87 -27.45 -17.24
CA LYS A 627 -9.94 -28.09 -16.49
C LYS A 627 -9.49 -29.39 -15.91
N GLN A 628 -8.39 -29.91 -16.44
CA GLN A 628 -7.84 -31.16 -15.97
C GLN A 628 -6.97 -30.99 -14.71
N LYS A 629 -6.03 -30.04 -14.73
CA LYS A 629 -5.21 -29.89 -13.55
C LYS A 629 -6.02 -29.52 -12.31
N LEU A 630 -7.09 -28.76 -12.52
CA LEU A 630 -7.93 -28.32 -11.41
C LEU A 630 -8.58 -29.55 -10.80
N GLU A 631 -8.71 -30.59 -11.58
CA GLU A 631 -9.31 -31.82 -11.11
C GLU A 631 -8.34 -32.50 -10.18
N ASN A 632 -7.15 -32.81 -10.70
CA ASN A 632 -6.09 -33.46 -9.94
C ASN A 632 -5.94 -32.81 -8.60
N LEU A 633 -5.91 -31.48 -8.61
CA LEU A 633 -5.72 -30.74 -7.38
C LEU A 633 -6.95 -30.80 -6.51
N GLN A 634 -8.10 -30.54 -7.11
CA GLN A 634 -9.37 -30.52 -6.38
C GLN A 634 -9.73 -31.83 -5.72
N ASN A 635 -9.06 -32.89 -6.12
CA ASN A 635 -9.35 -34.18 -5.53
C ASN A 635 -9.32 -34.18 -3.99
N LEU A 636 -8.15 -34.45 -3.41
CA LEU A 636 -7.97 -34.52 -1.97
C LEU A 636 -6.70 -33.73 -1.58
N ASN A 637 -6.31 -32.77 -2.42
CA ASN A 637 -5.13 -31.96 -2.17
C ASN A 637 -5.51 -30.52 -1.80
N LEU A 638 -6.01 -29.81 -2.79
CA LEU A 638 -6.47 -28.44 -2.63
C LEU A 638 -7.43 -28.37 -1.42
N PRO A 639 -7.17 -27.46 -0.45
CA PRO A 639 -8.05 -27.36 0.72
C PRO A 639 -9.47 -27.13 0.28
N GLN A 640 -10.39 -27.87 0.87
CA GLN A 640 -11.82 -27.81 0.54
C GLN A 640 -12.37 -26.41 0.57
N SER A 641 -11.77 -25.56 1.40
CA SER A 641 -12.21 -24.16 1.58
C SER A 641 -11.03 -23.22 1.93
N PHE A 642 -11.31 -21.94 2.23
CA PHE A 642 -10.22 -20.97 2.52
C PHE A 642 -10.71 -19.56 2.49
N ARG A 643 -10.27 -18.72 3.43
CA ARG A 643 -10.66 -17.30 3.36
C ARG A 643 -10.07 -16.65 2.10
N VAL A 644 -10.78 -15.69 1.57
CA VAL A 644 -10.37 -14.99 0.36
C VAL A 644 -9.48 -13.92 0.92
N PRO A 645 -8.18 -13.90 0.53
CA PRO A 645 -7.24 -12.93 1.04
C PRO A 645 -7.60 -11.51 0.91
N TYR A 646 -8.34 -11.12 -0.12
CA TYR A 646 -8.65 -9.70 -0.27
C TYR A 646 -9.99 -9.38 0.29
N ASP A 647 -10.72 -10.35 0.80
CA ASP A 647 -12.01 -10.07 1.41
C ASP A 647 -12.14 -11.19 2.46
N PRO A 648 -11.37 -11.07 3.55
CA PRO A 648 -11.38 -12.06 4.63
C PRO A 648 -12.69 -12.50 5.14
N GLY A 649 -13.66 -11.62 5.03
CA GLY A 649 -14.96 -12.05 5.53
C GLY A 649 -15.65 -13.00 4.59
N LEU A 650 -14.98 -13.55 3.58
CA LEU A 650 -15.62 -14.47 2.64
C LEU A 650 -14.90 -15.83 2.65
N LYS A 651 -15.64 -16.93 2.60
CA LYS A 651 -15.00 -18.26 2.62
C LYS A 651 -15.21 -19.02 1.33
N ALA A 652 -14.14 -19.26 0.60
CA ALA A 652 -14.26 -20.01 -0.61
C ALA A 652 -14.45 -21.53 -0.43
N GLY A 653 -15.35 -22.07 -1.24
CA GLY A 653 -15.58 -23.49 -1.18
C GLY A 653 -14.86 -24.23 -2.29
N ALA A 654 -15.61 -25.07 -2.98
CA ALA A 654 -14.97 -25.82 -4.00
C ALA A 654 -14.92 -25.02 -5.26
N LEU A 655 -14.15 -25.49 -6.20
CA LEU A 655 -14.00 -24.89 -7.52
C LEU A 655 -15.08 -25.39 -8.46
N VAL A 656 -15.67 -24.49 -9.22
CA VAL A 656 -16.68 -24.84 -10.20
C VAL A 656 -15.88 -24.98 -11.50
N ILE A 657 -15.27 -26.14 -11.68
CA ILE A 657 -14.45 -26.36 -12.83
C ILE A 657 -15.07 -25.93 -14.14
N GLU A 658 -16.35 -26.17 -14.31
CA GLU A 658 -16.96 -25.83 -15.57
C GLU A 658 -16.79 -24.42 -15.98
N LYS A 659 -16.98 -23.49 -15.04
CA LYS A 659 -16.91 -22.06 -15.33
C LYS A 659 -15.49 -21.50 -15.39
N CYS A 660 -14.51 -22.34 -15.09
CA CYS A 660 -13.13 -21.91 -15.09
C CYS A 660 -12.57 -21.88 -16.49
N LYS A 661 -11.75 -20.87 -16.76
CA LYS A 661 -11.19 -20.73 -18.06
C LYS A 661 -9.89 -19.95 -18.07
N VAL A 662 -9.29 -19.81 -19.24
CA VAL A 662 -8.04 -19.07 -19.37
C VAL A 662 -8.37 -17.84 -20.18
N MET A 663 -8.29 -16.65 -19.60
CA MET A 663 -8.63 -15.48 -20.37
C MET A 663 -7.90 -15.32 -21.72
N ALA A 664 -8.62 -14.82 -22.71
CA ALA A 664 -8.03 -14.63 -24.01
C ALA A 664 -7.17 -13.39 -23.93
N SER A 665 -6.22 -13.40 -23.00
CA SER A 665 -5.28 -12.28 -22.83
C SER A 665 -3.84 -12.73 -23.16
N LYS A 666 -3.04 -11.79 -23.64
CA LYS A 666 -1.66 -12.11 -24.01
C LYS A 666 -0.96 -12.80 -22.86
N LYS A 667 -1.33 -12.36 -21.65
CA LYS A 667 -0.69 -12.94 -20.51
C LYS A 667 -1.34 -14.26 -20.02
N LYS A 668 -2.50 -14.62 -20.55
CA LYS A 668 -3.21 -15.86 -20.19
C LYS A 668 -3.55 -16.04 -18.72
N PRO A 669 -4.17 -15.02 -18.09
CA PRO A 669 -4.55 -15.08 -16.66
C PRO A 669 -5.56 -16.16 -16.46
N LEU A 670 -5.62 -16.76 -15.29
CA LEU A 670 -6.68 -17.74 -15.02
C LEU A 670 -7.93 -17.03 -14.54
N TRP A 671 -9.11 -17.58 -14.84
CA TRP A 671 -10.37 -17.03 -14.36
C TRP A 671 -10.94 -18.22 -13.54
N LEU A 672 -11.01 -18.11 -12.21
CA LEU A 672 -11.55 -19.24 -11.42
C LEU A 672 -12.83 -18.87 -10.70
N GLU A 673 -13.74 -19.83 -10.61
CA GLU A 673 -14.96 -19.58 -9.87
C GLU A 673 -15.03 -20.56 -8.76
N PHE A 674 -15.54 -20.15 -7.59
CA PHE A 674 -15.70 -21.03 -6.42
C PHE A 674 -17.01 -20.80 -5.79
N LYS A 675 -17.48 -21.79 -5.03
CA LYS A 675 -18.75 -21.65 -4.31
C LYS A 675 -18.42 -21.01 -3.02
N CYS A 676 -19.40 -20.40 -2.39
CA CYS A 676 -19.18 -19.87 -1.06
C CYS A 676 -19.42 -21.11 -0.16
N ALA A 677 -18.57 -21.28 0.85
CA ALA A 677 -18.60 -22.38 1.82
C ALA A 677 -19.58 -22.12 2.94
N ASP A 678 -20.37 -21.08 2.83
CA ASP A 678 -21.26 -20.77 3.90
C ASP A 678 -22.67 -20.96 3.46
N PRO A 679 -23.29 -22.02 3.98
CA PRO A 679 -24.68 -22.33 3.64
C PRO A 679 -25.60 -21.14 3.90
N THR A 680 -25.38 -20.38 4.98
CA THR A 680 -26.30 -19.27 5.27
C THR A 680 -26.29 -18.12 4.28
N ALA A 681 -25.45 -18.24 3.25
CA ALA A 681 -25.35 -17.22 2.24
C ALA A 681 -26.70 -17.09 1.61
N LEU A 682 -27.12 -15.86 1.40
CA LEU A 682 -28.41 -15.63 0.80
C LEU A 682 -28.33 -15.56 -0.74
N SER A 683 -27.70 -16.56 -1.35
CA SER A 683 -27.59 -16.60 -2.79
C SER A 683 -26.81 -17.82 -3.25
N ASN A 684 -26.69 -17.95 -4.55
CA ASN A 684 -25.94 -19.03 -5.12
C ASN A 684 -24.75 -18.45 -5.91
N GLU A 685 -24.61 -17.13 -5.92
CA GLU A 685 -23.50 -16.49 -6.64
C GLU A 685 -22.11 -17.01 -6.21
N THR A 686 -21.20 -17.16 -7.17
CA THR A 686 -19.87 -17.64 -6.87
C THR A 686 -18.88 -16.51 -6.56
N ILE A 687 -17.72 -16.93 -6.07
CA ILE A 687 -16.67 -16.03 -5.73
C ILE A 687 -15.69 -16.21 -6.87
N GLY A 688 -15.34 -15.11 -7.51
CA GLY A 688 -14.48 -15.19 -8.66
C GLY A 688 -13.15 -14.64 -8.42
N ILE A 689 -12.13 -15.38 -8.80
CA ILE A 689 -10.79 -14.91 -8.57
C ILE A 689 -9.93 -15.11 -9.75
N ILE A 690 -9.11 -14.13 -10.07
CA ILE A 690 -8.21 -14.26 -11.20
C ILE A 690 -6.76 -14.24 -10.68
N PHE A 691 -5.97 -15.23 -11.09
CA PHE A 691 -4.55 -15.32 -10.73
C PHE A 691 -3.81 -15.07 -12.02
N LYS A 692 -2.82 -14.15 -12.00
CA LYS A 692 -2.11 -13.79 -13.20
C LYS A 692 -0.59 -13.71 -12.99
N HIS A 693 0.17 -13.85 -14.12
CA HIS A 693 1.65 -13.76 -14.18
C HIS A 693 2.06 -12.71 -15.20
N GLY A 694 3.07 -11.91 -14.86
CA GLY A 694 3.60 -10.89 -15.78
C GLY A 694 3.39 -9.42 -15.42
N ASP A 695 2.34 -9.13 -14.69
CA ASP A 695 2.21 -7.72 -14.32
C ASP A 695 2.65 -7.59 -12.84
N ASP A 696 3.17 -6.43 -12.51
CA ASP A 696 3.56 -6.17 -11.12
C ASP A 696 2.31 -5.73 -10.32
N LEU A 697 1.63 -6.64 -9.62
CA LEU A 697 0.44 -6.28 -8.86
C LEU A 697 0.73 -5.46 -7.58
N ARG A 698 1.99 -5.20 -7.29
CA ARG A 698 2.31 -4.36 -6.16
C ARG A 698 1.92 -2.99 -6.60
N GLN A 699 2.07 -2.69 -7.88
CA GLN A 699 1.65 -1.37 -8.30
C GLN A 699 0.14 -1.20 -8.25
N ASP A 700 -0.60 -2.23 -8.51
CA ASP A 700 -2.03 -2.18 -8.47
C ASP A 700 -2.52 -2.04 -7.04
N MET A 701 -1.85 -2.67 -6.09
CA MET A 701 -2.25 -2.53 -4.69
C MET A 701 -2.02 -1.07 -4.31
N LEU A 702 -0.84 -0.55 -4.54
CA LEU A 702 -0.63 0.85 -4.24
C LEU A 702 -1.76 1.73 -4.72
N ILE A 703 -2.03 1.74 -6.05
CA ILE A 703 -3.10 2.57 -6.69
C ILE A 703 -4.44 2.29 -6.07
N LEU A 704 -4.80 1.02 -6.00
CA LEU A 704 -6.11 0.67 -5.48
C LEU A 704 -6.36 1.23 -4.07
N GLN A 705 -5.31 1.29 -3.23
CA GLN A 705 -5.38 1.76 -1.87
C GLN A 705 -5.48 3.27 -1.78
N ILE A 706 -4.73 3.97 -2.65
CA ILE A 706 -4.85 5.38 -2.70
C ILE A 706 -6.36 5.60 -3.11
N LEU A 707 -6.88 4.79 -4.01
CA LEU A 707 -8.27 4.97 -4.43
C LEU A 707 -9.23 4.85 -3.28
N ARG A 708 -9.07 3.85 -2.40
CA ARG A 708 -9.96 3.76 -1.24
C ARG A 708 -9.74 4.98 -0.35
N ILE A 709 -8.51 5.48 -0.31
CA ILE A 709 -8.24 6.65 0.47
C ILE A 709 -9.00 7.84 -0.13
N MET A 710 -9.09 7.92 -1.45
CA MET A 710 -9.82 9.03 -2.02
C MET A 710 -11.29 8.84 -1.70
N GLU A 711 -11.80 7.62 -1.79
CA GLU A 711 -13.19 7.39 -1.48
C GLU A 711 -13.54 7.89 -0.05
N SER A 712 -12.63 7.71 0.90
CA SER A 712 -12.86 8.16 2.26
C SER A 712 -12.68 9.69 2.37
N ILE A 713 -11.85 10.29 1.53
CA ILE A 713 -11.67 11.72 1.56
C ILE A 713 -12.97 12.34 1.06
N TRP A 714 -13.69 11.65 0.20
CA TRP A 714 -14.92 12.26 -0.27
C TRP A 714 -16.00 11.98 0.76
N GLU A 715 -15.74 11.06 1.69
CA GLU A 715 -16.78 10.77 2.68
C GLU A 715 -16.94 11.96 3.63
N THR A 716 -15.81 12.55 3.99
CA THR A 716 -15.75 13.68 4.88
C THR A 716 -16.40 14.91 4.25
N GLU A 717 -16.14 15.15 2.96
CA GLU A 717 -16.73 16.25 2.23
C GLU A 717 -18.12 15.75 1.77
N SER A 718 -18.61 14.67 2.35
CA SER A 718 -19.92 14.19 1.99
C SER A 718 -20.19 14.03 0.49
N LEU A 719 -19.53 13.05 -0.13
CA LEU A 719 -19.63 12.73 -1.57
C LEU A 719 -19.46 11.23 -1.77
N ASP A 720 -20.06 10.67 -2.81
CA ASP A 720 -19.94 9.28 -3.14
C ASP A 720 -19.69 9.20 -4.67
N LEU A 721 -18.45 8.93 -5.08
CA LEU A 721 -18.04 8.87 -6.50
C LEU A 721 -18.14 7.53 -7.12
N CYS A 722 -18.73 6.60 -6.41
CA CYS A 722 -18.92 5.30 -6.94
C CYS A 722 -17.73 4.50 -7.53
N LEU A 723 -16.52 4.76 -7.02
CA LEU A 723 -15.38 4.00 -7.47
C LEU A 723 -15.63 2.57 -7.09
N LEU A 724 -14.85 1.66 -7.64
CA LEU A 724 -14.98 0.25 -7.34
C LEU A 724 -13.51 -0.28 -7.26
N PRO A 725 -12.80 -0.03 -6.13
CA PRO A 725 -11.42 -0.50 -6.02
C PRO A 725 -11.47 -1.98 -5.78
N TYR A 726 -11.52 -2.78 -6.84
CA TYR A 726 -11.63 -4.22 -6.64
C TYR A 726 -10.47 -4.80 -5.77
N GLY A 727 -10.64 -5.98 -5.22
CA GLY A 727 -9.59 -6.51 -4.41
C GLY A 727 -8.41 -7.01 -5.21
N CYS A 728 -7.19 -6.78 -4.79
CA CYS A 728 -6.06 -7.18 -5.52
C CYS A 728 -4.94 -7.46 -4.51
N ILE A 729 -4.29 -8.60 -4.59
CA ILE A 729 -3.23 -8.86 -3.64
C ILE A 729 -2.06 -9.47 -4.37
N SER A 730 -0.90 -8.82 -4.23
CA SER A 730 0.36 -9.26 -4.78
C SER A 730 0.82 -10.41 -3.95
N THR A 731 1.06 -11.54 -4.58
CA THR A 731 1.47 -12.71 -3.83
C THR A 731 2.93 -13.07 -3.91
N GLY A 732 3.55 -12.69 -5.01
CA GLY A 732 4.95 -12.99 -5.21
C GLY A 732 5.41 -12.17 -6.39
N ASP A 733 6.67 -12.36 -6.77
CA ASP A 733 7.31 -11.63 -7.88
C ASP A 733 6.31 -11.00 -8.82
N LYS A 734 6.01 -11.63 -9.95
CA LYS A 734 5.00 -10.98 -10.79
C LYS A 734 3.72 -11.76 -10.83
N ILE A 735 3.30 -12.25 -9.67
CA ILE A 735 2.07 -13.00 -9.56
C ILE A 735 1.20 -12.48 -8.42
N GLY A 736 -0.08 -12.82 -8.52
CA GLY A 736 -1.01 -12.43 -7.51
C GLY A 736 -2.42 -12.68 -7.95
N MET A 737 -3.35 -12.38 -7.04
CA MET A 737 -4.73 -12.56 -7.35
C MET A 737 -5.49 -11.28 -7.51
N ILE A 738 -6.59 -11.41 -8.21
CA ILE A 738 -7.45 -10.29 -8.49
C ILE A 738 -8.90 -10.62 -8.35
N GLU A 739 -9.66 -9.72 -7.74
CA GLU A 739 -11.08 -9.93 -7.59
C GLU A 739 -11.77 -9.89 -8.95
N ILE A 740 -12.79 -10.74 -9.13
CA ILE A 740 -13.54 -10.69 -10.33
C ILE A 740 -14.78 -9.88 -10.04
N VAL A 741 -14.95 -8.71 -10.64
CA VAL A 741 -16.20 -7.95 -10.37
C VAL A 741 -17.24 -8.53 -11.20
N LYS A 742 -18.33 -8.93 -10.55
CA LYS A 742 -19.46 -9.50 -11.26
C LYS A 742 -20.21 -8.56 -12.22
N ASP A 743 -20.83 -9.19 -13.24
CA ASP A 743 -21.65 -8.49 -14.28
C ASP A 743 -20.95 -7.34 -14.93
N ALA A 744 -19.71 -7.58 -15.37
CA ALA A 744 -18.88 -6.50 -15.91
C ALA A 744 -18.10 -6.85 -17.14
N THR A 745 -17.83 -5.86 -17.98
CA THR A 745 -17.07 -6.13 -19.21
C THR A 745 -16.24 -4.95 -19.57
N THR A 746 -15.34 -5.23 -20.51
CA THR A 746 -14.41 -4.29 -21.07
C THR A 746 -15.10 -3.39 -22.09
N ILE A 747 -14.80 -2.11 -22.03
CA ILE A 747 -15.40 -1.14 -22.95
C ILE A 747 -15.08 -1.52 -24.42
N ALA A 748 -13.81 -1.83 -24.65
CA ALA A 748 -13.35 -2.22 -25.94
C ALA A 748 -14.16 -3.40 -26.48
N LYS A 749 -14.37 -4.40 -25.62
CA LYS A 749 -15.13 -5.61 -25.94
C LYS A 749 -16.53 -5.22 -26.38
N ILE A 750 -17.04 -4.16 -25.78
CA ILE A 750 -18.37 -3.73 -26.11
C ILE A 750 -18.34 -3.23 -27.54
N GLN A 751 -17.35 -2.40 -27.85
CA GLN A 751 -17.19 -1.89 -29.17
C GLN A 751 -16.98 -3.07 -30.12
N GLN A 752 -16.04 -3.95 -29.79
CA GLN A 752 -15.72 -5.11 -30.63
C GLN A 752 -16.89 -5.92 -31.14
N SER A 753 -17.85 -6.20 -30.27
CA SER A 753 -19.03 -6.98 -30.64
C SER A 753 -19.90 -6.26 -31.71
N THR A 754 -20.41 -5.07 -31.37
CA THR A 754 -21.25 -4.23 -32.25
C THR A 754 -20.44 -3.85 -33.49
N VAL A 755 -19.32 -3.17 -33.27
CA VAL A 755 -18.43 -2.79 -34.34
C VAL A 755 -17.66 -4.05 -34.71
N GLY A 756 -16.37 -4.12 -34.41
CA GLY A 756 -15.60 -5.29 -34.78
C GLY A 756 -14.14 -5.26 -34.35
N ASN A 757 -13.27 -5.80 -35.19
CA ASN A 757 -11.81 -5.87 -34.91
C ASN A 757 -11.01 -4.74 -35.59
N THR A 758 -11.47 -3.52 -35.35
CA THR A 758 -10.86 -2.33 -35.90
C THR A 758 -11.25 -1.12 -35.08
N GLY A 759 -10.67 0.04 -35.40
CA GLY A 759 -10.94 1.23 -34.62
C GLY A 759 -12.04 2.21 -35.00
N ALA A 760 -12.91 1.89 -35.94
CA ALA A 760 -13.99 2.80 -36.35
C ALA A 760 -15.07 2.80 -35.27
N PHE A 761 -14.72 3.24 -34.08
CA PHE A 761 -15.62 3.22 -32.95
C PHE A 761 -16.97 3.98 -33.09
N LYS A 762 -18.04 3.29 -32.69
CA LYS A 762 -19.37 3.86 -32.76
C LYS A 762 -19.79 4.36 -31.39
N ASP A 763 -20.02 5.65 -31.30
CA ASP A 763 -20.43 6.32 -30.10
C ASP A 763 -21.70 5.74 -29.46
N GLU A 764 -22.54 5.03 -30.21
CA GLU A 764 -23.76 4.58 -29.58
C GLU A 764 -23.75 3.19 -28.95
N VAL A 765 -22.73 2.40 -29.23
CA VAL A 765 -22.63 1.08 -28.69
C VAL A 765 -22.83 0.91 -27.18
N LEU A 766 -22.19 1.75 -26.40
CA LEU A 766 -22.26 1.66 -24.95
C LEU A 766 -23.67 1.72 -24.43
N SER A 767 -24.38 2.79 -24.75
CA SER A 767 -25.75 2.94 -24.30
C SER A 767 -26.63 1.81 -24.84
N HIS A 768 -26.37 1.37 -26.07
CA HIS A 768 -27.19 0.30 -26.64
C HIS A 768 -26.88 -1.00 -25.87
N TRP A 769 -25.82 -0.96 -25.06
CA TRP A 769 -25.41 -2.09 -24.25
C TRP A 769 -26.10 -2.06 -22.90
N LEU A 770 -26.12 -0.89 -22.27
CA LEU A 770 -26.78 -0.72 -20.98
C LEU A 770 -28.25 -1.12 -21.06
N LYS A 771 -28.94 -0.54 -22.05
CA LYS A 771 -30.34 -0.80 -22.27
C LYS A 771 -30.63 -2.26 -22.41
N GLU A 772 -29.84 -2.94 -23.25
CA GLU A 772 -30.06 -4.36 -23.49
C GLU A 772 -29.88 -5.21 -22.22
N LYS A 773 -29.09 -4.69 -21.30
CA LYS A 773 -28.80 -5.36 -20.04
C LYS A 773 -29.72 -4.82 -18.93
N CYS A 774 -30.48 -3.79 -19.25
CA CYS A 774 -31.42 -3.20 -18.30
C CYS A 774 -32.74 -2.83 -18.96
N PRO A 775 -33.57 -3.85 -19.20
CA PRO A 775 -34.87 -3.64 -19.83
C PRO A 775 -35.72 -2.64 -19.04
N ILE A 776 -35.99 -2.99 -17.78
CA ILE A 776 -36.82 -2.15 -16.90
C ILE A 776 -36.34 -0.72 -16.81
N GLU A 777 -37.15 0.21 -17.29
CA GLU A 777 -36.75 1.60 -17.26
C GLU A 777 -36.08 1.99 -15.96
N GLU A 778 -36.83 1.96 -14.87
CA GLU A 778 -36.35 2.36 -13.53
C GLU A 778 -34.92 1.85 -13.24
N LYS A 779 -34.61 0.68 -13.75
CA LYS A 779 -33.29 0.08 -13.56
C LYS A 779 -32.29 0.81 -14.47
N PHE A 780 -32.57 0.85 -15.78
CA PHE A 780 -31.70 1.54 -16.75
C PHE A 780 -31.54 3.03 -16.39
N GLN A 781 -32.61 3.66 -15.95
CA GLN A 781 -32.57 5.06 -15.59
C GLN A 781 -31.64 5.26 -14.37
N ALA A 782 -31.39 4.19 -13.63
CA ALA A 782 -30.52 4.26 -12.45
C ALA A 782 -29.09 3.85 -12.79
N ALA A 783 -28.97 3.05 -13.84
CA ALA A 783 -27.68 2.61 -14.34
C ALA A 783 -27.05 3.74 -15.14
N VAL A 784 -27.67 4.92 -15.15
CA VAL A 784 -27.07 5.99 -15.90
C VAL A 784 -26.50 6.99 -14.95
N GLU A 785 -27.12 7.11 -13.79
CA GLU A 785 -26.65 8.05 -12.79
C GLU A 785 -25.33 7.54 -12.19
N ARG A 786 -25.30 6.22 -11.99
CA ARG A 786 -24.12 5.54 -11.51
C ARG A 786 -22.98 5.87 -12.49
N PHE A 787 -23.20 5.57 -13.77
CA PHE A 787 -22.17 5.85 -14.76
C PHE A 787 -21.64 7.27 -14.57
N VAL A 788 -22.53 8.24 -14.61
CA VAL A 788 -22.10 9.62 -14.44
C VAL A 788 -21.16 9.84 -13.27
N TYR A 789 -21.52 9.28 -12.12
CA TYR A 789 -20.72 9.44 -10.90
C TYR A 789 -19.43 8.62 -10.95
N SER A 790 -19.58 7.33 -11.24
CA SER A 790 -18.41 6.43 -11.31
C SER A 790 -17.42 7.01 -12.33
N CYS A 791 -17.91 7.31 -13.53
CA CYS A 791 -17.05 7.89 -14.55
C CYS A 791 -16.40 9.20 -14.10
N ALA A 792 -17.14 9.98 -13.34
CA ALA A 792 -16.61 11.23 -12.87
C ALA A 792 -15.46 10.97 -11.92
N GLY A 793 -15.76 10.21 -10.85
CA GLY A 793 -14.71 9.90 -9.91
C GLY A 793 -13.41 9.33 -10.49
N TYR A 794 -13.50 8.34 -11.36
CA TYR A 794 -12.25 7.86 -11.96
C TYR A 794 -11.56 8.94 -12.75
N CYS A 795 -12.32 9.77 -13.46
CA CYS A 795 -11.67 10.87 -14.22
C CYS A 795 -10.81 11.67 -13.30
N VAL A 796 -11.39 12.06 -12.15
CA VAL A 796 -10.67 12.89 -11.14
C VAL A 796 -9.48 12.19 -10.50
N ALA A 797 -9.78 11.02 -9.98
CA ALA A 797 -8.75 10.22 -9.27
C ALA A 797 -7.68 9.91 -10.26
N THR A 798 -8.08 9.41 -11.43
CA THR A 798 -7.09 9.04 -12.44
C THR A 798 -6.27 10.22 -12.97
N PHE A 799 -6.81 11.42 -12.94
CA PHE A 799 -6.05 12.56 -13.41
C PHE A 799 -5.12 13.03 -12.30
N VAL A 800 -5.61 13.04 -11.07
CA VAL A 800 -4.71 13.44 -9.94
C VAL A 800 -3.54 12.51 -9.85
N LEU A 801 -3.75 11.21 -10.11
CA LEU A 801 -2.57 10.27 -10.02
C LEU A 801 -1.70 10.24 -11.24
N GLY A 802 -2.09 10.93 -12.31
CA GLY A 802 -1.23 10.96 -13.50
C GLY A 802 -1.27 9.70 -14.32
N ILE A 803 -2.43 9.09 -14.45
CA ILE A 803 -2.54 7.85 -15.21
C ILE A 803 -3.91 7.82 -15.93
N GLY A 804 -4.36 9.00 -16.36
CA GLY A 804 -5.67 9.13 -16.98
C GLY A 804 -5.69 8.72 -18.43
N ASP A 805 -4.51 8.64 -19.03
CA ASP A 805 -4.41 8.24 -20.39
C ASP A 805 -4.12 6.77 -20.61
N ARG A 806 -5.15 6.01 -20.99
CA ARG A 806 -4.98 4.60 -21.25
C ARG A 806 -5.95 4.02 -22.24
N HIS A 807 -5.60 2.84 -22.78
CA HIS A 807 -6.46 2.17 -23.75
C HIS A 807 -7.78 1.71 -23.16
N ASN A 808 -8.71 1.48 -24.07
CA ASN A 808 -10.08 1.00 -23.88
C ASN A 808 -10.24 -0.30 -23.12
N ASP A 809 -9.23 -1.12 -23.24
CA ASP A 809 -9.25 -2.43 -22.68
C ASP A 809 -9.03 -2.47 -21.18
N ASN A 810 -8.54 -1.35 -20.69
CA ASN A 810 -8.25 -1.19 -19.32
C ASN A 810 -9.36 -0.47 -18.63
N ILE A 811 -10.52 -0.42 -19.27
CA ILE A 811 -11.62 0.24 -18.61
C ILE A 811 -12.79 -0.66 -18.64
N MET A 812 -13.54 -0.70 -17.55
CA MET A 812 -14.62 -1.62 -17.42
C MET A 812 -15.93 -1.01 -17.00
N ILE A 813 -17.03 -1.75 -17.20
CA ILE A 813 -18.35 -1.29 -16.80
C ILE A 813 -19.19 -2.47 -16.29
N SER A 814 -20.16 -2.19 -15.43
CA SER A 814 -21.04 -3.23 -14.89
C SER A 814 -22.47 -3.07 -15.44
N GLU A 815 -23.17 -4.20 -15.50
CA GLU A 815 -24.53 -4.18 -16.03
C GLU A 815 -25.41 -3.39 -15.11
N THR A 816 -24.83 -2.56 -14.27
CA THR A 816 -25.60 -1.68 -13.38
C THR A 816 -25.07 -0.31 -13.54
N GLY A 817 -24.27 -0.16 -14.60
CA GLY A 817 -23.67 1.11 -14.99
C GLY A 817 -22.42 1.60 -14.29
N ASN A 818 -21.84 0.78 -13.41
CA ASN A 818 -20.67 1.23 -12.69
C ASN A 818 -19.43 1.10 -13.60
N LEU A 819 -18.68 2.18 -13.73
CA LEU A 819 -17.55 2.10 -14.60
C LEU A 819 -16.37 2.07 -13.69
N PHE A 820 -15.26 1.44 -14.07
CA PHE A 820 -14.13 1.38 -13.17
C PHE A 820 -12.85 1.02 -13.86
N HIS A 821 -11.73 1.75 -13.67
CA HIS A 821 -10.46 1.35 -14.33
C HIS A 821 -9.82 0.03 -13.82
N ILE A 822 -8.82 -0.56 -14.50
CA ILE A 822 -8.18 -1.87 -14.11
C ILE A 822 -6.72 -1.94 -14.54
N ASP A 823 -6.10 -3.11 -14.52
CA ASP A 823 -4.73 -3.25 -15.00
C ASP A 823 -3.87 -2.08 -14.70
N PHE A 824 -3.54 -1.76 -13.48
CA PHE A 824 -2.75 -0.55 -13.36
C PHE A 824 -1.29 -0.92 -13.40
N GLY A 825 -1.04 -2.20 -13.64
CA GLY A 825 0.32 -2.71 -13.70
C GLY A 825 1.30 -1.65 -14.14
N ASN A 838 6.73 13.72 -28.21
CA ASN A 838 6.30 13.63 -29.60
C ASN A 838 5.15 12.68 -29.89
N LYS A 839 3.93 13.11 -29.58
CA LYS A 839 2.71 12.32 -29.79
C LYS A 839 1.42 13.01 -29.34
N GLU A 840 0.40 12.21 -29.13
CA GLU A 840 -0.91 12.68 -28.70
C GLU A 840 -1.23 12.20 -27.28
N ARG A 841 -1.94 13.04 -26.53
CA ARG A 841 -2.28 12.68 -25.16
C ARG A 841 -3.64 13.22 -24.75
N VAL A 842 -4.05 12.89 -23.52
CA VAL A 842 -5.32 13.34 -23.00
C VAL A 842 -5.28 13.28 -21.46
N PRO A 843 -6.05 14.14 -20.77
CA PRO A 843 -6.08 14.18 -19.30
C PRO A 843 -6.64 12.90 -18.68
N PHE A 844 -7.61 12.33 -19.39
CA PHE A 844 -8.27 11.11 -19.02
C PHE A 844 -9.20 10.58 -20.11
N VAL A 845 -9.98 9.58 -19.76
CA VAL A 845 -10.82 8.97 -20.74
C VAL A 845 -12.25 9.39 -20.61
N LEU A 846 -12.73 10.12 -21.59
CA LEU A 846 -14.12 10.56 -21.58
C LEU A 846 -14.55 10.57 -23.04
N THR A 847 -14.39 9.41 -23.68
CA THR A 847 -14.74 9.23 -25.08
C THR A 847 -16.20 9.53 -25.50
N PRO A 848 -16.44 9.63 -26.82
CA PRO A 848 -17.75 9.92 -27.41
C PRO A 848 -18.83 8.96 -26.93
N ASP A 849 -18.48 7.68 -26.80
CA ASP A 849 -19.48 6.70 -26.36
C ASP A 849 -19.98 6.95 -24.94
N PHE A 850 -19.10 7.50 -24.10
CA PHE A 850 -19.41 7.78 -22.72
C PHE A 850 -20.34 8.97 -22.70
N LEU A 851 -19.97 10.01 -23.44
CA LEU A 851 -20.82 11.20 -23.48
C LEU A 851 -22.18 10.85 -24.11
N PHE A 852 -22.21 9.79 -24.93
CA PHE A 852 -23.48 9.40 -25.56
C PHE A 852 -24.47 8.91 -24.51
N VAL A 853 -23.96 8.19 -23.52
CA VAL A 853 -24.78 7.63 -22.46
C VAL A 853 -25.40 8.75 -21.66
N MET A 854 -24.71 9.87 -21.67
CA MET A 854 -25.18 11.00 -20.94
C MET A 854 -26.07 11.94 -21.78
N GLY A 855 -26.35 11.55 -23.02
CA GLY A 855 -27.19 12.35 -23.91
C GLY A 855 -26.54 13.57 -24.55
N THR A 856 -25.42 13.38 -25.24
CA THR A 856 -24.72 14.49 -25.88
C THR A 856 -23.93 13.96 -27.10
N SER A 857 -24.64 13.84 -28.22
CA SER A 857 -24.02 13.34 -29.44
C SER A 857 -22.92 14.29 -29.91
N GLY A 858 -23.24 15.58 -29.99
CA GLY A 858 -22.26 16.55 -30.43
C GLY A 858 -21.54 17.21 -29.27
N LYS A 859 -21.13 18.46 -29.48
CA LYS A 859 -20.43 19.26 -28.46
C LYS A 859 -21.42 20.19 -27.74
N LYS A 860 -22.63 19.68 -27.51
CA LYS A 860 -23.68 20.42 -26.83
C LYS A 860 -23.93 19.87 -25.42
N THR A 861 -23.89 20.78 -24.44
CA THR A 861 -24.11 20.40 -23.07
C THR A 861 -25.43 19.72 -22.91
N SER A 862 -25.49 18.83 -21.93
CA SER A 862 -26.70 18.08 -21.62
C SER A 862 -27.07 18.11 -20.13
N LEU A 863 -28.20 17.48 -19.81
CA LEU A 863 -28.69 17.46 -18.44
C LEU A 863 -27.73 16.65 -17.57
N HIS A 864 -27.43 15.45 -18.04
CA HIS A 864 -26.54 14.58 -17.33
C HIS A 864 -25.11 15.08 -17.34
N PHE A 865 -24.73 15.66 -18.48
CA PHE A 865 -23.40 16.19 -18.64
C PHE A 865 -23.08 17.25 -17.57
N GLN A 866 -24.01 18.18 -17.35
CA GLN A 866 -23.79 19.24 -16.35
C GLN A 866 -23.73 18.55 -15.00
N LYS A 867 -24.55 17.49 -14.84
CA LYS A 867 -24.62 16.71 -13.61
C LYS A 867 -23.24 16.17 -13.38
N PHE A 868 -22.65 15.65 -14.46
CA PHE A 868 -21.31 15.11 -14.42
C PHE A 868 -20.32 16.26 -14.16
N GLN A 869 -20.37 17.31 -14.97
CA GLN A 869 -19.46 18.45 -14.78
C GLN A 869 -19.44 18.98 -13.35
N ASP A 870 -20.58 18.92 -12.66
CA ASP A 870 -20.66 19.44 -11.30
C ASP A 870 -20.06 18.47 -10.29
N VAL A 871 -20.33 17.19 -10.51
CA VAL A 871 -19.79 16.21 -9.64
C VAL A 871 -18.29 16.21 -9.77
N CYS A 872 -17.76 16.45 -10.97
CA CYS A 872 -16.30 16.45 -11.14
C CYS A 872 -15.66 17.50 -10.29
N VAL A 873 -15.82 18.75 -10.71
CA VAL A 873 -15.24 19.92 -9.99
C VAL A 873 -15.36 19.75 -8.47
N LYS A 874 -16.52 19.24 -8.10
CA LYS A 874 -16.81 18.98 -6.72
C LYS A 874 -15.77 17.99 -6.15
N ALA A 875 -15.68 16.78 -6.71
CA ALA A 875 -14.73 15.81 -6.20
C ALA A 875 -13.31 16.33 -6.31
N TYR A 876 -13.03 17.01 -7.43
CA TYR A 876 -11.69 17.57 -7.67
C TYR A 876 -11.26 18.51 -6.56
N LEU A 877 -12.08 19.51 -6.30
CA LEU A 877 -11.85 20.48 -5.24
C LEU A 877 -11.84 19.73 -3.89
N ALA A 878 -12.73 18.77 -3.69
CA ALA A 878 -12.66 18.07 -2.39
C ALA A 878 -11.28 17.44 -2.16
N LEU A 879 -10.56 17.07 -3.23
CA LEU A 879 -9.25 16.48 -3.00
C LEU A 879 -8.26 17.50 -2.65
N ARG A 880 -8.29 18.62 -3.37
CA ARG A 880 -7.29 19.66 -3.10
C ARG A 880 -7.28 19.97 -1.61
N HIS A 881 -8.45 19.93 -0.97
CA HIS A 881 -8.50 20.14 0.50
C HIS A 881 -7.55 19.20 1.23
N HIS A 882 -6.93 18.28 0.48
CA HIS A 882 -5.98 17.33 1.06
C HIS A 882 -4.69 17.15 0.28
N THR A 883 -4.46 18.17 -0.55
CA THR A 883 -3.29 18.28 -1.36
C THR A 883 -2.05 17.70 -0.70
N ASN A 884 -1.75 18.14 0.51
CA ASN A 884 -0.55 17.62 1.14
C ASN A 884 -0.57 16.15 1.37
N LEU A 885 -1.69 15.60 1.76
CA LEU A 885 -1.78 14.16 2.08
C LEU A 885 -1.48 13.34 0.81
N LEU A 886 -2.15 13.73 -0.26
CA LEU A 886 -1.99 13.10 -1.56
C LEU A 886 -0.52 13.22 -2.04
N ILE A 887 0.09 14.38 -1.82
CA ILE A 887 1.48 14.63 -2.23
C ILE A 887 2.51 13.63 -1.67
N ILE A 888 2.52 13.50 -0.36
CA ILE A 888 3.40 12.60 0.37
C ILE A 888 2.97 11.13 0.09
N LEU A 889 1.69 10.87 -0.18
CA LEU A 889 1.30 9.52 -0.50
C LEU A 889 1.85 9.14 -1.86
N PHE A 890 1.73 10.06 -2.81
CA PHE A 890 2.19 9.86 -4.18
C PHE A 890 3.71 9.76 -4.14
N SER A 891 4.28 10.55 -3.27
CA SER A 891 5.72 10.52 -3.20
C SER A 891 6.20 9.16 -2.52
N MET A 892 5.45 8.60 -1.55
CA MET A 892 5.94 7.37 -0.92
C MET A 892 5.81 6.23 -1.88
N MET A 893 4.70 6.27 -2.58
CA MET A 893 4.41 5.33 -3.58
C MET A 893 5.51 5.14 -4.62
N LEU A 894 5.95 6.25 -5.24
CA LEU A 894 7.04 6.15 -6.22
C LEU A 894 8.30 5.68 -5.55
N MET A 895 8.42 5.91 -4.29
CA MET A 895 9.66 5.51 -3.75
C MET A 895 9.79 4.06 -3.36
N THR A 896 8.66 3.37 -3.12
CA THR A 896 8.67 1.96 -2.68
C THR A 896 7.93 1.04 -3.59
N GLY A 897 7.20 1.62 -4.52
CA GLY A 897 6.40 0.80 -5.42
C GLY A 897 6.97 0.71 -6.80
N MET A 898 7.86 1.64 -7.18
CA MET A 898 8.52 1.65 -8.50
C MET A 898 9.85 0.94 -8.43
N PRO A 899 10.09 -0.04 -9.31
CA PRO A 899 11.39 -0.76 -9.28
C PRO A 899 12.51 0.19 -9.80
N GLN A 900 12.20 0.98 -10.83
CA GLN A 900 13.16 1.91 -11.36
C GLN A 900 13.37 3.09 -10.40
N LEU A 901 14.51 3.77 -10.53
CA LEU A 901 14.79 4.90 -9.68
C LEU A 901 13.91 6.10 -10.10
N THR A 902 13.09 6.58 -9.18
CA THR A 902 12.25 7.71 -9.50
C THR A 902 13.05 8.95 -9.19
N SER A 903 12.52 10.09 -9.65
CA SER A 903 13.13 11.41 -9.48
C SER A 903 12.14 12.46 -8.96
N LYS A 904 12.64 13.64 -8.58
CA LYS A 904 11.79 14.72 -8.09
C LYS A 904 10.80 15.06 -9.21
N GLU A 905 11.32 15.17 -10.43
CA GLU A 905 10.52 15.48 -11.60
C GLU A 905 9.30 14.57 -11.71
N ASP A 906 9.44 13.35 -11.17
CA ASP A 906 8.37 12.37 -11.20
C ASP A 906 7.29 12.75 -10.20
N ILE A 907 7.75 13.06 -8.99
CA ILE A 907 6.86 13.44 -7.89
C ILE A 907 6.09 14.73 -8.23
N GLU A 908 6.82 15.75 -8.64
CA GLU A 908 6.24 17.06 -8.97
C GLU A 908 4.97 17.05 -9.79
N TYR A 909 4.80 16.05 -10.65
CA TYR A 909 3.61 15.96 -11.48
C TYR A 909 2.30 16.19 -10.70
N ILE A 910 2.22 15.49 -9.58
CA ILE A 910 1.06 15.50 -8.70
C ILE A 910 0.85 16.88 -8.18
N ARG A 911 1.93 17.63 -8.05
CA ARG A 911 1.82 18.97 -7.53
C ARG A 911 1.10 19.88 -8.55
N ASP A 912 1.39 19.69 -9.83
CA ASP A 912 0.75 20.47 -10.89
C ASP A 912 -0.70 20.02 -11.02
N ALA A 913 -0.90 18.72 -11.19
CA ALA A 913 -2.26 18.20 -11.33
C ALA A 913 -3.23 18.74 -10.23
N LEU A 914 -2.68 19.07 -9.07
CA LEU A 914 -3.50 19.54 -7.96
C LEU A 914 -3.48 21.07 -7.86
N THR A 915 -2.82 21.70 -8.84
CA THR A 915 -2.69 23.15 -8.92
C THR A 915 -2.48 23.76 -7.55
N VAL A 916 -1.35 23.45 -6.95
CA VAL A 916 -0.98 23.99 -5.65
C VAL A 916 -0.73 25.47 -5.84
N GLY A 917 -0.97 26.20 -4.75
CA GLY A 917 -0.76 27.64 -4.72
C GLY A 917 -1.78 28.39 -5.54
N LYS A 918 -2.77 27.65 -6.03
CA LYS A 918 -3.81 28.22 -6.83
C LYS A 918 -5.09 28.36 -6.04
N SER A 919 -5.96 29.27 -6.49
CA SER A 919 -7.21 29.53 -5.81
C SER A 919 -8.22 28.59 -6.38
N GLU A 920 -9.21 28.23 -5.57
CA GLU A 920 -10.26 27.34 -5.97
C GLU A 920 -10.85 27.79 -7.31
N GLU A 921 -11.02 29.09 -7.47
CA GLU A 921 -11.59 29.58 -8.72
C GLU A 921 -10.83 29.09 -9.92
N ASP A 922 -9.60 29.54 -10.07
CA ASP A 922 -8.77 29.14 -11.18
C ASP A 922 -8.90 27.63 -11.36
N ALA A 923 -8.77 26.92 -10.24
CA ALA A 923 -8.85 25.47 -10.21
C ALA A 923 -10.10 24.92 -10.85
N LYS A 924 -11.25 25.27 -10.30
CA LYS A 924 -12.47 24.77 -10.88
C LYS A 924 -12.33 24.74 -12.40
N LYS A 925 -11.81 25.83 -12.95
CA LYS A 925 -11.61 25.98 -14.40
C LYS A 925 -10.62 25.00 -15.00
N TYR A 926 -9.43 24.97 -14.42
CA TYR A 926 -8.41 24.05 -14.85
C TYR A 926 -9.00 22.69 -15.16
N PHE A 927 -9.75 22.13 -14.21
CA PHE A 927 -10.35 20.82 -14.44
C PHE A 927 -11.31 20.89 -15.64
N LEU A 928 -12.25 21.84 -15.63
CA LEU A 928 -13.18 22.00 -16.76
C LEU A 928 -12.45 22.13 -18.11
N ASP A 929 -11.30 22.80 -18.12
CA ASP A 929 -10.54 22.90 -19.35
C ASP A 929 -10.07 21.48 -19.77
N GLN A 930 -9.53 20.75 -18.79
CA GLN A 930 -9.01 19.41 -19.04
C GLN A 930 -10.09 18.53 -19.64
N ILE A 931 -11.29 18.73 -19.13
CA ILE A 931 -12.44 18.00 -19.59
C ILE A 931 -12.70 18.37 -21.03
N GLU A 932 -12.30 19.59 -21.41
CA GLU A 932 -12.54 20.06 -22.75
C GLU A 932 -11.62 19.33 -23.74
N VAL A 933 -10.32 19.28 -23.43
CA VAL A 933 -9.37 18.59 -24.30
C VAL A 933 -9.94 17.23 -24.66
N CYS A 934 -10.71 16.65 -23.75
CA CYS A 934 -11.30 15.34 -24.00
C CYS A 934 -12.29 15.34 -25.18
N ARG A 935 -13.27 16.24 -25.10
CA ARG A 935 -14.24 16.37 -26.19
C ARG A 935 -13.57 16.90 -27.47
N ASP A 936 -12.40 17.52 -27.34
CA ASP A 936 -11.71 18.05 -28.52
C ASP A 936 -10.95 16.97 -29.26
N LYS A 937 -10.66 15.86 -28.58
CA LYS A 937 -9.94 14.78 -29.24
C LYS A 937 -10.82 13.55 -29.49
N GLY A 938 -12.12 13.68 -29.22
CA GLY A 938 -13.03 12.57 -29.44
C GLY A 938 -12.41 11.19 -29.20
N TRP A 939 -12.29 10.41 -30.28
CA TRP A 939 -11.73 9.04 -30.28
C TRP A 939 -10.29 9.01 -30.71
N THR A 940 -9.72 10.18 -30.89
CA THR A 940 -8.36 10.30 -31.39
C THR A 940 -7.40 9.38 -30.73
N VAL A 941 -7.19 9.62 -29.44
CA VAL A 941 -6.25 8.87 -28.61
C VAL A 941 -6.57 7.38 -28.52
N GLN A 942 -7.85 7.04 -28.43
CA GLN A 942 -8.26 5.63 -28.40
C GLN A 942 -7.77 4.99 -29.71
N PHE A 943 -8.20 5.53 -30.86
CA PHE A 943 -7.83 5.00 -32.22
C PHE A 943 -6.33 4.79 -32.30
N ASN A 944 -5.59 5.73 -31.72
CA ASN A 944 -4.13 5.67 -31.70
C ASN A 944 -3.70 4.47 -30.87
N TRP A 945 -4.31 4.34 -29.67
CA TRP A 945 -4.00 3.23 -28.78
C TRP A 945 -4.24 1.92 -29.50
N PHE A 946 -5.35 1.84 -30.21
CA PHE A 946 -5.68 0.63 -30.97
C PHE A 946 -4.63 0.34 -32.05
N LEU A 947 -3.97 1.40 -32.53
CA LEU A 947 -2.95 1.27 -33.57
C LEU A 947 -1.66 0.75 -32.99
N HIS A 948 -1.37 1.23 -31.77
CA HIS A 948 -0.17 0.88 -30.99
C HIS A 948 -0.28 -0.48 -30.31
N LEU A 949 -1.22 -0.61 -29.39
CA LEU A 949 -1.42 -1.87 -28.64
C LEU A 949 -2.01 -3.04 -29.44
N VAL A 950 -2.95 -2.75 -30.33
CA VAL A 950 -3.58 -3.80 -31.14
C VAL A 950 -2.83 -4.16 -32.42
N LEU A 951 -2.41 -3.15 -33.18
CA LEU A 951 -1.75 -3.45 -34.44
C LEU A 951 -0.23 -3.50 -34.37
N GLY A 952 0.32 -3.31 -33.17
CA GLY A 952 1.74 -3.34 -32.98
C GLY A 952 2.47 -2.24 -33.74
N ILE A 953 1.78 -1.15 -34.04
CA ILE A 953 2.40 -0.03 -34.74
C ILE A 953 2.97 0.92 -33.71
C1 QUE B . -14.17 -9.41 -16.89
C2 QUE B . -14.06 -8.97 -15.48
C3 QUE B . -12.83 -8.46 -14.93
C4 QUE B . -11.75 -8.49 -15.87
C5 QUE B . -11.83 -8.91 -17.24
C6 QUE B . -13.04 -9.38 -17.82
C9 QUE B . -12.60 -7.96 -13.54
C10 QUE B . -11.34 -7.47 -13.12
C11 QUE B . -10.25 -7.54 -14.15
C14 QUE B . -8.88 -7.13 -13.97
C15 QUE B . -8.30 -6.48 -12.80
C16 QUE B . -6.88 -6.13 -12.78
C17 QUE B . -6.02 -6.45 -13.89
C18 QUE B . -6.54 -7.11 -15.06
C19 QUE B . -7.94 -7.42 -15.06
O12 QUE B . -10.54 -8.05 -15.44
O13 QUE B . -13.47 -7.91 -12.70
O23 QUE B . -5.75 -7.49 -16.15
O24 QUE B . -4.63 -6.11 -13.83
O27 QUE B . -11.23 -6.99 -11.80
O29 QUE B . -13.04 -9.75 -19.20
O30 QUE B . -15.20 -9.03 -14.70
#